data_9LPC
#
_entry.id   9LPC
#
_cell.length_a   60.788
_cell.length_b   63.206
_cell.length_c   91.629
_cell.angle_alpha   98.50
_cell.angle_beta   97.25
_cell.angle_gamma   100.04
#
_symmetry.space_group_name_H-M   'P 1'
#
loop_
_entity.id
_entity.type
_entity.pdbx_description
1 polymer 'Tryptophan--tRNA ligase'
2 polymer tRNA(Trp)
3 water water
#
loop_
_entity_poly.entity_id
_entity_poly.type
_entity_poly.pdbx_seq_one_letter_code
_entity_poly.pdbx_strand_id
1 'polypeptide(L)'
;MTKPIVFSGAQPSGELTIGNYMGALRQWVNMQDDYHCIYCIVDQHAITVRQDAQKLRKATLDTLALYLACGIDPEKSTIF
VQSHVPEHAQLGWALNCYTYFGELSRMTQFKDKSARYAENINAGLFDYPVLMAADILLYQTNLVPVGEDQKQHLELSRDI
AQRFNALYGEIFKVPEPFIPKSGARVMSLLEPTKKMSKSDDNRNNVIGLLEDPKSVVKKIKRAVTDSDEPPVVRYDVQNK
AGVSNLLDILSAVTGQSIPELEKQFEGKMYGHLKGEVADAVSGMLTELQERYHRFRNDEAFLQQVMKDGAEKASAHASRT
LKAVYEAIGFVAKRHHHHHH
;
A,B
2 'polyribonucleotide' AGGGGCGUAGUUCAAUUGGUAGAGCACCGGUCUCCAAAACCGGGUGUUGGGAGUUCGAGUCUCUCCGCCCCUGCC C,D
#
# COMPACT_ATOMS: atom_id res chain seq x y z
N LYS A 3 3.26 -13.29 26.23
CA LYS A 3 2.51 -14.17 25.32
C LYS A 3 2.90 -13.87 23.87
N PRO A 4 3.11 -14.92 23.08
CA PRO A 4 3.55 -14.71 21.70
C PRO A 4 2.37 -14.27 20.84
N ILE A 5 2.61 -13.31 19.94
CA ILE A 5 1.55 -12.75 19.09
C ILE A 5 1.62 -13.39 17.71
N VAL A 6 0.48 -13.88 17.23
CA VAL A 6 0.42 -14.71 16.02
C VAL A 6 -0.51 -14.04 15.02
N PHE A 7 -0.01 -13.81 13.80
CA PHE A 7 -0.77 -13.20 12.72
C PHE A 7 -1.09 -14.27 11.69
N SER A 8 -2.39 -14.53 11.50
CA SER A 8 -2.88 -15.37 10.41
C SER A 8 -3.72 -14.50 9.49
N GLY A 9 -3.71 -14.80 8.20
CA GLY A 9 -4.49 -14.06 7.22
C GLY A 9 -5.55 -14.98 6.62
N ALA A 10 -6.76 -14.45 6.48
CA ALA A 10 -7.90 -15.22 6.02
C ALA A 10 -8.21 -14.72 4.61
N GLN A 11 -7.92 -15.54 3.63
CA GLN A 11 -8.17 -15.08 2.28
C GLN A 11 -9.67 -15.18 2.03
N PRO A 12 -10.35 -14.06 1.69
CA PRO A 12 -11.82 -14.06 1.59
C PRO A 12 -12.40 -15.15 0.67
N SER A 13 -11.71 -15.51 -0.41
CA SER A 13 -12.09 -16.62 -1.27
C SER A 13 -11.44 -17.91 -0.81
N GLY A 14 -11.95 -19.02 -1.29
CA GLY A 14 -11.26 -20.25 -1.00
C GLY A 14 -11.90 -20.99 0.14
N GLU A 15 -13.00 -21.67 -0.16
CA GLU A 15 -13.72 -22.49 0.81
C GLU A 15 -12.75 -23.30 1.67
N LEU A 16 -12.74 -23.00 2.96
CA LEU A 16 -11.96 -23.79 3.91
C LEU A 16 -12.26 -25.27 3.75
N THR A 17 -11.21 -26.07 3.62
CA THR A 17 -11.37 -27.51 3.51
C THR A 17 -11.26 -28.17 4.88
N ILE A 18 -11.69 -29.44 4.96
CA ILE A 18 -11.55 -30.18 6.21
C ILE A 18 -10.09 -30.30 6.57
N GLY A 19 -9.20 -30.21 5.58
CA GLY A 19 -7.78 -30.19 5.86
C GLY A 19 -7.37 -28.95 6.62
N ASN A 20 -7.79 -27.78 6.11
CA ASN A 20 -7.54 -26.53 6.83
C ASN A 20 -8.05 -26.61 8.26
N TYR A 21 -9.30 -27.02 8.43
CA TYR A 21 -9.91 -27.10 9.76
C TYR A 21 -9.12 -28.01 10.68
N MET A 22 -8.97 -29.28 10.33
CA MET A 22 -8.48 -30.23 11.32
C MET A 22 -6.97 -30.16 11.45
N GLY A 23 -6.29 -29.81 10.37
CA GLY A 23 -4.85 -29.69 10.42
C GLY A 23 -4.35 -28.44 11.13
N ALA A 24 -5.12 -27.35 11.07
CA ALA A 24 -4.65 -26.06 11.54
C ALA A 24 -5.67 -25.38 12.44
N LEU A 25 -6.77 -24.87 11.86
CA LEU A 25 -7.60 -23.92 12.60
C LEU A 25 -8.23 -24.54 13.84
N ARG A 26 -8.52 -25.85 13.80
CA ARG A 26 -9.09 -26.49 14.99
C ARG A 26 -8.15 -26.40 16.18
N GLN A 27 -6.88 -26.69 15.97
CA GLN A 27 -5.94 -26.63 17.08
C GLN A 27 -5.67 -25.19 17.50
N TRP A 28 -5.80 -24.25 16.56
CA TRP A 28 -5.57 -22.84 16.86
C TRP A 28 -6.74 -22.22 17.63
N VAL A 29 -7.96 -22.72 17.44
CA VAL A 29 -9.09 -22.39 18.33
C VAL A 29 -8.78 -22.67 19.79
N ASN A 30 -7.98 -23.70 20.06
CA ASN A 30 -7.66 -24.05 21.43
C ASN A 30 -6.43 -23.36 21.93
N MET A 31 -6.01 -22.29 21.26
CA MET A 31 -4.77 -21.67 21.72
C MET A 31 -4.90 -20.17 21.78
N GLN A 32 -6.09 -19.67 22.09
CA GLN A 32 -6.34 -18.24 22.05
C GLN A 32 -6.00 -17.57 23.36
N ASP A 33 -5.92 -18.33 24.44
CA ASP A 33 -5.61 -17.79 25.75
C ASP A 33 -4.11 -17.80 26.00
N ASP A 34 -3.41 -18.80 25.47
CA ASP A 34 -1.96 -18.83 25.59
C ASP A 34 -1.30 -17.85 24.63
N TYR A 35 -1.83 -17.74 23.41
CA TYR A 35 -1.29 -16.87 22.38
C TYR A 35 -2.22 -15.69 22.14
N HIS A 36 -1.67 -14.61 21.59
CA HIS A 36 -2.47 -13.46 21.17
C HIS A 36 -2.68 -13.60 19.66
N CYS A 37 -3.75 -14.28 19.27
CA CYS A 37 -3.93 -14.58 17.86
C CYS A 37 -4.67 -13.46 17.15
N ILE A 38 -4.14 -13.06 16.00
CA ILE A 38 -4.77 -12.06 15.14
C ILE A 38 -5.15 -12.74 13.82
N TYR A 39 -6.39 -12.53 13.40
CA TYR A 39 -6.94 -13.10 12.15
C TYR A 39 -7.42 -11.94 11.29
N CYS A 40 -6.72 -11.68 10.21
CA CYS A 40 -6.97 -10.56 9.32
C CYS A 40 -7.58 -11.07 8.02
N ILE A 41 -8.75 -10.55 7.66
CA ILE A 41 -9.39 -10.91 6.40
C ILE A 41 -8.78 -10.02 5.33
N VAL A 42 -7.86 -10.57 4.55
CA VAL A 42 -7.06 -9.78 3.61
C VAL A 42 -7.82 -9.50 2.33
N ASP A 43 -8.78 -8.59 2.36
CA ASP A 43 -9.54 -8.31 1.14
C ASP A 43 -8.75 -7.45 0.16
N GLN A 44 -7.73 -6.76 0.64
CA GLN A 44 -7.00 -5.84 -0.25
C GLN A 44 -6.07 -6.70 -1.08
N HIS A 45 -5.82 -7.90 -0.61
CA HIS A 45 -4.91 -8.84 -1.28
C HIS A 45 -5.70 -9.61 -2.35
N ALA A 46 -7.01 -9.60 -2.27
CA ALA A 46 -7.84 -10.40 -3.18
C ALA A 46 -8.08 -9.65 -4.47
N ILE A 47 -8.06 -8.34 -4.40
CA ILE A 47 -8.37 -7.52 -5.60
C ILE A 47 -7.17 -7.58 -6.52
N THR A 48 -6.14 -8.35 -6.18
CA THR A 48 -5.05 -8.51 -7.15
C THR A 48 -5.53 -9.24 -8.38
N VAL A 49 -6.53 -10.11 -8.18
CA VAL A 49 -7.24 -10.85 -9.19
C VAL A 49 -8.62 -10.21 -9.36
N ARG A 50 -9.01 -9.97 -10.60
CA ARG A 50 -10.30 -9.36 -10.86
C ARG A 50 -11.40 -10.28 -10.50
N GLN A 51 -12.48 -9.73 -9.95
CA GLN A 51 -13.59 -10.57 -9.46
C GLN A 51 -14.78 -9.67 -9.12
N ASP A 52 -15.92 -10.33 -8.90
CA ASP A 52 -17.23 -9.68 -8.81
C ASP A 52 -17.39 -8.91 -7.51
N ALA A 53 -17.78 -7.64 -7.62
CA ALA A 53 -17.77 -6.82 -6.42
C ALA A 53 -18.73 -7.39 -5.36
N GLN A 54 -19.97 -7.75 -5.73
CA GLN A 54 -20.87 -8.30 -4.72
C GLN A 54 -20.31 -9.59 -4.14
N LYS A 55 -19.69 -10.43 -4.99
CA LYS A 55 -19.16 -11.70 -4.49
C LYS A 55 -18.07 -11.49 -3.46
N LEU A 56 -17.20 -10.49 -3.66
CA LEU A 56 -16.10 -10.30 -2.71
C LEU A 56 -16.63 -9.80 -1.38
N ARG A 57 -17.59 -8.86 -1.45
CA ARG A 57 -18.29 -8.37 -0.27
C ARG A 57 -18.95 -9.52 0.48
N LYS A 58 -19.65 -10.40 -0.24
CA LYS A 58 -20.24 -11.55 0.44
C LYS A 58 -19.16 -12.52 0.88
N ALA A 59 -18.10 -12.67 0.08
CA ALA A 59 -17.02 -13.58 0.44
C ALA A 59 -16.34 -13.14 1.72
N THR A 60 -16.11 -11.83 1.87
CA THR A 60 -15.55 -11.30 3.11
C THR A 60 -16.43 -11.67 4.28
N LEU A 61 -17.73 -11.47 4.12
CA LEU A 61 -18.66 -11.74 5.21
C LEU A 61 -18.81 -13.24 5.46
N ASP A 62 -18.78 -14.03 4.39
CA ASP A 62 -18.75 -15.48 4.52
C ASP A 62 -17.55 -15.94 5.34
N THR A 63 -16.36 -15.46 4.97
CA THR A 63 -15.14 -15.90 5.64
C THR A 63 -15.16 -15.51 7.11
N LEU A 64 -15.76 -14.36 7.41
CA LEU A 64 -15.81 -13.95 8.80
C LEU A 64 -16.63 -14.97 9.59
N ALA A 65 -17.90 -15.15 9.20
CA ALA A 65 -18.82 -16.02 9.93
C ALA A 65 -18.27 -17.42 10.14
N LEU A 66 -17.52 -17.95 9.16
CA LEU A 66 -17.01 -19.31 9.23
C LEU A 66 -15.89 -19.44 10.24
N TYR A 67 -14.92 -18.52 10.22
CA TYR A 67 -13.98 -18.45 11.33
C TYR A 67 -14.69 -18.43 12.67
N LEU A 68 -15.63 -17.49 12.86
CA LEU A 68 -16.50 -17.52 14.05
C LEU A 68 -17.09 -18.91 14.20
N ALA A 69 -17.62 -19.43 13.10
CA ALA A 69 -18.20 -20.76 13.13
C ALA A 69 -17.14 -21.80 13.47
N CYS A 70 -15.88 -21.52 13.16
CA CYS A 70 -14.85 -22.51 13.48
C CYS A 70 -14.37 -22.37 14.91
N GLY A 71 -14.69 -21.25 15.54
CA GLY A 71 -14.46 -21.13 16.96
C GLY A 71 -13.57 -19.99 17.40
N ILE A 72 -13.30 -19.01 16.54
CA ILE A 72 -12.44 -17.90 16.91
C ILE A 72 -13.27 -16.96 17.79
N ASP A 73 -12.80 -16.72 19.02
CA ASP A 73 -13.56 -15.88 19.93
C ASP A 73 -13.12 -14.43 19.78
N PRO A 74 -14.00 -13.54 19.31
CA PRO A 74 -13.58 -12.15 19.07
C PRO A 74 -13.26 -11.38 20.34
N GLU A 75 -13.53 -11.94 21.52
CA GLU A 75 -13.03 -11.35 22.76
C GLU A 75 -11.55 -11.64 22.92
N LYS A 76 -11.20 -12.93 22.92
CA LYS A 76 -9.81 -13.34 23.05
C LYS A 76 -9.00 -12.90 21.84
N SER A 77 -9.46 -13.22 20.64
CA SER A 77 -8.68 -12.99 19.44
C SER A 77 -9.20 -11.81 18.66
N THR A 78 -8.30 -11.20 17.90
CA THR A 78 -8.56 -10.00 17.09
C THR A 78 -8.88 -10.44 15.67
N ILE A 79 -10.06 -10.06 15.17
CA ILE A 79 -10.61 -10.56 13.90
C ILE A 79 -11.19 -9.37 13.13
N PHE A 80 -10.60 -9.04 11.98
CA PHE A 80 -10.96 -7.82 11.30
C PHE A 80 -10.72 -7.93 9.80
N VAL A 81 -11.15 -6.90 9.09
CA VAL A 81 -11.01 -6.77 7.65
C VAL A 81 -9.83 -5.88 7.34
N GLN A 82 -8.95 -6.37 6.47
CA GLN A 82 -7.72 -5.65 6.15
C GLN A 82 -8.01 -4.21 5.74
N SER A 83 -8.99 -4.01 4.89
CA SER A 83 -9.24 -2.69 4.39
C SER A 83 -9.68 -1.70 5.43
N HIS A 84 -10.15 -2.16 6.57
CA HIS A 84 -10.69 -1.26 7.55
C HIS A 84 -9.66 -0.69 8.49
N VAL A 85 -8.40 -1.03 8.28
CA VAL A 85 -7.35 -0.58 9.12
C VAL A 85 -6.36 0.03 8.19
N PRO A 86 -6.44 1.33 7.97
CA PRO A 86 -5.60 2.00 6.96
C PRO A 86 -4.12 1.74 7.09
N GLU A 87 -3.64 1.50 8.31
CA GLU A 87 -2.20 1.39 8.54
C GLU A 87 -1.55 0.37 7.62
N HIS A 88 -2.35 -0.57 7.09
CA HIS A 88 -1.87 -1.62 6.19
C HIS A 88 -1.36 -1.03 4.88
N ALA A 89 -2.22 -0.34 4.13
CA ALA A 89 -1.71 0.36 2.96
C ALA A 89 -0.57 1.28 3.34
N GLN A 90 -0.75 2.00 4.44
CA GLN A 90 0.21 3.03 4.83
C GLN A 90 1.60 2.46 5.09
N LEU A 91 1.71 1.42 5.91
CA LEU A 91 3.04 0.84 6.05
C LEU A 91 3.47 0.17 4.75
N GLY A 92 2.49 -0.37 4.01
CA GLY A 92 2.81 -1.02 2.75
C GLY A 92 3.64 -0.13 1.84
N TRP A 93 3.26 1.15 1.71
CA TRP A 93 4.03 2.04 0.84
C TRP A 93 5.45 2.25 1.36
N ALA A 94 5.59 2.48 2.65
CA ALA A 94 6.92 2.73 3.18
C ALA A 94 7.80 1.52 2.94
N LEU A 95 7.26 0.31 3.16
CA LEU A 95 8.10 -0.86 2.94
C LEU A 95 8.44 -1.03 1.46
N ASN A 96 7.61 -0.53 0.52
CA ASN A 96 8.05 -0.57 -0.87
C ASN A 96 9.43 0.06 -1.03
N CYS A 97 9.74 1.05 -0.23
CA CYS A 97 11.02 1.72 -0.39
C CYS A 97 12.16 0.97 0.26
N TYR A 98 11.91 -0.19 0.86
CA TYR A 98 12.95 -1.02 1.47
C TYR A 98 12.82 -2.46 0.98
N THR A 99 12.26 -2.61 -0.21
CA THR A 99 12.13 -3.88 -0.88
C THR A 99 12.65 -3.66 -2.27
N TYR A 100 13.40 -4.63 -2.78
CA TYR A 100 14.11 -4.46 -4.04
C TYR A 100 13.38 -5.17 -5.16
N PHE A 101 13.37 -4.50 -6.32
CA PHE A 101 12.73 -5.02 -7.53
C PHE A 101 12.95 -6.52 -7.72
N GLY A 102 14.21 -6.94 -7.83
CA GLY A 102 14.52 -8.35 -8.05
C GLY A 102 13.91 -9.28 -7.01
N GLU A 103 13.95 -8.91 -5.73
CA GLU A 103 13.31 -9.75 -4.72
C GLU A 103 11.85 -10.00 -5.07
N LEU A 104 11.13 -8.94 -5.48
CA LEU A 104 9.71 -9.08 -5.77
C LEU A 104 9.47 -9.88 -7.04
N SER A 105 10.33 -9.71 -8.03
CA SER A 105 10.15 -10.34 -9.33
C SER A 105 10.57 -11.80 -9.35
N ARG A 106 11.52 -12.17 -8.54
CA ARG A 106 11.94 -13.54 -8.46
C ARG A 106 11.05 -14.35 -7.58
N MET A 107 9.98 -13.78 -7.09
CA MET A 107 9.03 -14.57 -6.33
C MET A 107 8.48 -15.63 -7.26
N THR A 108 8.50 -16.89 -6.82
CA THR A 108 8.27 -17.96 -7.78
C THR A 108 6.92 -17.78 -8.47
N GLN A 109 5.86 -17.47 -7.71
CA GLN A 109 4.55 -17.28 -8.29
C GLN A 109 4.55 -16.22 -9.40
N PHE A 110 4.79 -14.97 -9.08
CA PHE A 110 4.74 -13.94 -10.09
C PHE A 110 5.57 -14.28 -11.30
N LYS A 111 6.76 -14.82 -11.10
CA LYS A 111 7.65 -15.08 -12.23
C LYS A 111 7.01 -16.06 -13.12
N ASP A 112 6.00 -16.71 -12.60
CA ASP A 112 5.28 -17.61 -13.41
C ASP A 112 4.27 -16.94 -14.28
N LYS A 113 3.48 -16.07 -13.67
CA LYS A 113 2.50 -15.35 -14.43
C LYS A 113 3.32 -14.19 -14.92
N ALA A 118 -2.41 -14.82 -17.56
CA ALA A 118 -1.42 -13.86 -17.97
C ALA A 118 -2.14 -12.65 -18.47
N GLU A 119 -3.21 -12.27 -17.79
CA GLU A 119 -4.00 -11.16 -18.25
C GLU A 119 -4.05 -10.00 -17.30
N ASN A 120 -3.55 -10.20 -16.11
CA ASN A 120 -3.61 -9.15 -15.15
C ASN A 120 -2.31 -9.07 -14.44
N ILE A 121 -1.26 -8.73 -15.15
CA ILE A 121 -0.01 -8.55 -14.47
C ILE A 121 -0.07 -7.18 -13.97
N ASN A 122 -0.84 -6.98 -12.92
CA ASN A 122 -1.02 -5.68 -12.32
C ASN A 122 0.04 -5.42 -11.32
N ALA A 123 0.22 -4.18 -10.96
CA ALA A 123 1.19 -3.92 -9.90
C ALA A 123 0.76 -4.53 -8.58
N GLY A 124 -0.54 -4.75 -8.38
CA GLY A 124 -0.96 -5.47 -7.20
C GLY A 124 -0.26 -6.81 -7.10
N LEU A 125 -0.34 -7.61 -8.18
CA LEU A 125 0.21 -8.98 -8.22
C LEU A 125 1.69 -8.99 -7.88
N PHE A 126 2.46 -8.12 -8.54
CA PHE A 126 3.85 -7.87 -8.25
C PHE A 126 4.11 -7.36 -6.83
N ASP A 127 3.23 -6.53 -6.26
CA ASP A 127 3.60 -5.73 -5.10
C ASP A 127 3.07 -6.29 -3.78
N TYR A 128 2.08 -7.22 -3.84
CA TYR A 128 1.46 -8.01 -2.78
C TYR A 128 2.42 -8.47 -1.70
N PRO A 129 3.62 -8.96 -2.03
CA PRO A 129 4.49 -9.48 -0.96
C PRO A 129 4.96 -8.40 0.00
N VAL A 130 5.11 -7.15 -0.46
CA VAL A 130 5.44 -6.04 0.44
C VAL A 130 4.30 -5.78 1.41
N LEU A 131 3.09 -5.62 0.85
CA LEU A 131 1.89 -5.51 1.66
C LEU A 131 1.74 -6.69 2.60
N MET A 132 2.06 -7.89 2.15
CA MET A 132 1.95 -9.02 3.07
C MET A 132 3.00 -8.92 4.17
N ALA A 133 4.12 -8.25 3.90
CA ALA A 133 5.06 -8.03 4.97
C ALA A 133 4.61 -6.86 5.88
N ALA A 134 3.97 -5.83 5.31
CA ALA A 134 3.31 -4.81 6.14
C ALA A 134 2.23 -5.42 7.04
N ASP A 135 1.46 -6.38 6.52
CA ASP A 135 0.47 -7.07 7.35
C ASP A 135 1.11 -7.64 8.61
N ILE A 136 2.16 -8.45 8.45
CA ILE A 136 2.81 -9.11 9.59
C ILE A 136 3.44 -8.08 10.51
N LEU A 137 4.17 -7.12 9.96
CA LEU A 137 5.09 -6.34 10.78
C LEU A 137 4.38 -5.27 11.61
N LEU A 138 3.16 -4.87 11.22
CA LEU A 138 2.46 -3.85 12.00
C LEU A 138 2.29 -4.32 13.42
N TYR A 139 1.84 -5.56 13.59
CA TYR A 139 1.45 -6.02 14.92
C TYR A 139 2.62 -6.60 15.72
N GLN A 140 3.85 -6.26 15.36
CA GLN A 140 5.01 -6.77 16.09
C GLN A 140 4.99 -8.30 16.19
N THR A 141 4.46 -8.95 15.14
CA THR A 141 4.24 -10.39 15.15
C THR A 141 5.54 -11.11 15.37
N ASN A 142 5.47 -12.25 16.05
CA ASN A 142 6.65 -13.10 16.23
C ASN A 142 6.40 -14.55 15.79
N LEU A 143 5.16 -15.00 15.81
CA LEU A 143 4.76 -16.28 15.23
C LEU A 143 3.87 -16.07 14.01
N VAL A 144 4.30 -16.59 12.86
CA VAL A 144 3.52 -16.55 11.63
C VAL A 144 3.28 -17.99 11.15
N PRO A 145 2.04 -18.44 11.03
CA PRO A 145 1.80 -19.77 10.45
C PRO A 145 2.03 -19.77 8.95
N VAL A 146 3.16 -20.34 8.51
CA VAL A 146 3.59 -20.23 7.13
C VAL A 146 2.52 -20.84 6.24
N GLY A 147 1.92 -20.01 5.38
CA GLY A 147 0.81 -20.44 4.56
C GLY A 147 1.25 -21.47 3.51
N GLU A 148 0.34 -21.73 2.58
CA GLU A 148 0.59 -22.70 1.52
C GLU A 148 1.38 -22.04 0.40
N ASP A 149 2.44 -22.71 -0.04
CA ASP A 149 3.30 -22.20 -1.13
C ASP A 149 3.66 -20.73 -0.90
N GLN A 150 3.94 -20.37 0.37
CA GLN A 150 4.22 -18.97 0.73
C GLN A 150 5.30 -18.85 1.83
N LYS A 151 6.34 -19.69 1.79
CA LYS A 151 7.51 -19.47 2.67
C LYS A 151 8.34 -18.30 2.17
N GLN A 152 8.50 -18.20 0.85
CA GLN A 152 9.20 -17.13 0.17
C GLN A 152 8.77 -15.80 0.80
N HIS A 153 7.45 -15.67 0.98
CA HIS A 153 6.83 -14.44 1.44
C HIS A 153 7.26 -14.07 2.85
N LEU A 154 7.15 -15.01 3.79
CA LEU A 154 7.67 -14.79 5.14
C LEU A 154 9.18 -14.55 5.13
N GLU A 155 9.92 -15.26 4.29
CA GLU A 155 11.35 -14.94 4.20
C GLU A 155 11.55 -13.50 3.76
N LEU A 156 10.71 -13.02 2.84
CA LEU A 156 10.86 -11.64 2.40
C LEU A 156 10.41 -10.69 3.50
N SER A 157 9.45 -11.10 4.32
CA SER A 157 9.13 -10.25 5.44
C SER A 157 10.31 -10.14 6.38
N ARG A 158 10.96 -11.27 6.64
CA ARG A 158 12.12 -11.25 7.51
C ARG A 158 13.26 -10.48 6.89
N ASP A 159 13.34 -10.49 5.57
CA ASP A 159 14.43 -9.72 4.99
C ASP A 159 14.12 -8.25 5.11
N ILE A 160 12.91 -7.85 4.77
CA ILE A 160 12.49 -6.46 4.96
C ILE A 160 12.71 -5.99 6.41
N ALA A 161 12.19 -6.71 7.40
CA ALA A 161 12.25 -6.21 8.78
C ALA A 161 13.68 -6.06 9.26
N GLN A 162 14.55 -6.97 8.87
CA GLN A 162 15.96 -6.83 9.24
C GLN A 162 16.57 -5.66 8.50
N ARG A 163 16.25 -5.52 7.21
CA ARG A 163 16.77 -4.40 6.41
C ARG A 163 16.32 -3.06 6.97
N PHE A 164 15.12 -3.00 7.58
CA PHE A 164 14.64 -1.74 8.15
C PHE A 164 15.26 -1.52 9.52
N ASN A 165 15.09 -2.50 10.41
CA ASN A 165 15.66 -2.43 11.74
C ASN A 165 17.16 -2.15 11.66
N ALA A 166 17.86 -2.69 10.66
CA ALA A 166 19.29 -2.45 10.59
C ALA A 166 19.59 -0.98 10.33
N LEU A 167 18.69 -0.28 9.65
CA LEU A 167 18.89 1.11 9.32
C LEU A 167 18.38 2.04 10.40
N TYR A 168 17.49 1.55 11.23
CA TYR A 168 16.80 2.44 12.13
C TYR A 168 16.52 1.96 13.52
N GLY A 169 16.67 0.69 13.77
CA GLY A 169 16.48 0.21 15.09
C GLY A 169 15.37 -0.76 15.19
N GLU A 170 15.31 -1.47 16.28
CA GLU A 170 14.34 -2.51 16.40
C GLU A 170 12.97 -2.00 16.45
N ILE A 171 12.51 -1.45 15.35
CA ILE A 171 11.15 -1.03 15.29
C ILE A 171 10.33 -2.27 15.19
N PHE A 172 10.83 -3.25 14.48
CA PHE A 172 10.02 -4.44 14.30
C PHE A 172 10.52 -5.71 14.90
N LYS A 173 9.61 -6.60 15.24
CA LYS A 173 9.97 -7.94 15.65
C LYS A 173 10.18 -8.75 14.37
N VAL A 174 11.32 -9.43 14.28
CA VAL A 174 11.51 -10.40 13.21
C VAL A 174 10.56 -11.55 13.46
N PRO A 175 9.71 -11.92 12.50
CA PRO A 175 8.73 -12.98 12.75
C PRO A 175 9.33 -14.35 12.41
N GLU A 176 8.96 -15.36 13.26
CA GLU A 176 9.39 -16.73 13.00
C GLU A 176 8.20 -17.56 12.54
N PRO A 177 8.41 -18.56 11.69
CA PRO A 177 7.29 -19.40 11.23
C PRO A 177 6.69 -20.24 12.34
N PHE A 178 5.39 -20.48 12.21
CA PHE A 178 4.60 -21.22 13.19
C PHE A 178 4.28 -22.59 12.63
N ILE A 179 4.78 -23.62 13.31
CA ILE A 179 4.49 -25.00 12.96
C ILE A 179 3.88 -25.63 14.20
N PRO A 180 2.62 -25.34 14.54
CA PRO A 180 2.06 -25.88 15.77
C PRO A 180 1.85 -27.38 15.71
N LYS A 181 1.22 -27.94 16.76
CA LYS A 181 0.82 -29.35 16.77
C LYS A 181 0.26 -29.75 15.42
N SER A 182 0.96 -30.64 14.73
CA SER A 182 0.52 -31.04 13.40
C SER A 182 -0.88 -31.62 13.51
N GLY A 183 -1.83 -30.99 12.85
CA GLY A 183 -3.19 -31.50 13.04
C GLY A 183 -3.34 -32.79 12.29
N ALA A 184 -4.57 -33.14 11.96
CA ALA A 184 -4.81 -34.35 11.19
C ALA A 184 -3.98 -34.31 9.92
N ARG A 185 -3.77 -35.48 9.33
CA ARG A 185 -3.05 -35.52 8.04
C ARG A 185 -4.11 -35.77 6.99
N VAL A 186 -4.50 -34.72 6.29
CA VAL A 186 -5.59 -34.91 5.31
C VAL A 186 -4.94 -34.82 3.94
N MET A 187 -5.04 -35.89 3.17
CA MET A 187 -4.45 -35.92 1.85
C MET A 187 -5.54 -35.84 0.81
N SER A 188 -5.20 -35.35 -0.37
CA SER A 188 -6.17 -35.18 -1.45
C SER A 188 -6.84 -36.50 -1.81
N LEU A 189 -8.12 -36.45 -2.12
CA LEU A 189 -8.90 -37.68 -2.15
C LEU A 189 -8.61 -38.49 -3.40
N LEU A 190 -8.21 -37.85 -4.49
CA LEU A 190 -7.80 -38.61 -5.66
C LEU A 190 -6.29 -38.65 -5.87
N GLU A 191 -5.49 -38.05 -4.97
CA GLU A 191 -4.04 -38.06 -5.07
C GLU A 191 -3.44 -38.15 -3.67
N PRO A 192 -3.76 -39.21 -2.91
CA PRO A 192 -3.34 -39.26 -1.49
C PRO A 192 -1.87 -39.04 -1.26
N THR A 193 -1.04 -39.11 -2.32
CA THR A 193 0.31 -38.58 -2.20
C THR A 193 0.30 -37.08 -1.87
N LYS A 194 -0.62 -36.30 -2.45
CA LYS A 194 -0.66 -34.85 -2.23
C LYS A 194 -1.53 -34.49 -1.04
N LYS A 195 -1.20 -33.44 -0.34
CA LYS A 195 -2.06 -32.99 0.73
C LYS A 195 -3.22 -32.21 0.17
N MET A 196 -4.26 -32.02 0.96
CA MET A 196 -5.43 -31.34 0.47
C MET A 196 -5.23 -29.86 0.43
N SER A 197 -5.48 -29.24 -0.72
CA SER A 197 -5.25 -27.81 -0.88
C SER A 197 -6.46 -27.02 -1.26
N LYS A 198 -6.66 -25.91 -0.57
CA LYS A 198 -7.86 -25.14 -0.86
C LYS A 198 -7.88 -24.66 -2.31
N SER A 199 -6.72 -24.51 -2.94
CA SER A 199 -6.64 -23.98 -4.30
C SER A 199 -6.70 -25.07 -5.36
N ASP A 200 -6.93 -26.32 -4.97
CA ASP A 200 -7.02 -27.42 -5.92
C ASP A 200 -8.06 -27.13 -7.00
N ASP A 201 -7.63 -27.04 -8.27
CA ASP A 201 -8.58 -26.73 -9.33
C ASP A 201 -9.61 -27.84 -9.46
N ASN A 202 -9.22 -29.09 -9.23
CA ASN A 202 -10.20 -30.16 -9.16
C ASN A 202 -10.65 -30.43 -7.71
N ARG A 203 -11.93 -30.08 -7.47
CA ARG A 203 -12.61 -30.01 -6.17
C ARG A 203 -13.02 -31.39 -5.62
N ASN A 204 -13.00 -32.44 -6.45
CA ASN A 204 -13.17 -33.82 -6.00
C ASN A 204 -12.01 -34.30 -5.13
N ASN A 205 -10.95 -33.53 -4.99
CA ASN A 205 -9.88 -33.92 -4.11
C ASN A 205 -10.11 -33.25 -2.83
N VAL A 206 -11.11 -32.39 -2.79
CA VAL A 206 -11.39 -31.61 -1.59
C VAL A 206 -12.79 -31.73 -1.07
N ILE A 207 -13.02 -31.22 0.11
CA ILE A 207 -14.33 -31.25 0.74
C ILE A 207 -14.43 -30.03 1.59
N GLY A 208 -15.29 -29.09 1.25
CA GLY A 208 -15.32 -27.86 1.99
C GLY A 208 -16.10 -28.00 3.28
N LEU A 209 -15.86 -27.07 4.19
CA LEU A 209 -16.52 -27.13 5.49
C LEU A 209 -18.03 -26.94 5.39
N LEU A 210 -18.55 -26.45 4.27
CA LEU A 210 -19.99 -26.18 4.16
C LEU A 210 -20.63 -27.06 3.10
N GLU A 211 -20.43 -28.36 3.20
CA GLU A 211 -20.78 -29.26 2.12
C GLU A 211 -21.94 -30.16 2.53
N ASP A 212 -22.86 -30.36 1.59
CA ASP A 212 -24.03 -31.18 1.82
C ASP A 212 -23.60 -32.58 2.22
N PRO A 213 -24.24 -33.18 3.21
CA PRO A 213 -24.00 -34.61 3.49
C PRO A 213 -23.99 -35.48 2.25
N LYS A 214 -24.87 -35.20 1.30
CA LYS A 214 -24.77 -35.89 0.01
C LYS A 214 -23.42 -35.64 -0.62
N SER A 215 -22.98 -34.37 -0.68
CA SER A 215 -21.72 -34.09 -1.35
C SER A 215 -20.55 -34.79 -0.67
N VAL A 216 -20.50 -34.72 0.67
CA VAL A 216 -19.50 -35.46 1.43
C VAL A 216 -19.48 -36.94 1.03
N VAL A 217 -20.66 -37.55 0.92
CA VAL A 217 -20.72 -38.96 0.53
C VAL A 217 -20.17 -39.15 -0.88
N LYS A 218 -20.67 -38.34 -1.82
CA LYS A 218 -20.29 -38.49 -3.23
C LYS A 218 -18.80 -38.38 -3.42
N LYS A 219 -18.14 -37.52 -2.65
CA LYS A 219 -16.71 -37.25 -2.74
C LYS A 219 -15.89 -38.34 -2.07
N ILE A 220 -16.27 -38.79 -0.87
CA ILE A 220 -15.51 -39.86 -0.27
C ILE A 220 -15.74 -41.16 -1.02
N LYS A 221 -16.88 -41.30 -1.70
CA LYS A 221 -17.10 -42.52 -2.47
C LYS A 221 -16.11 -42.63 -3.63
N ARG A 222 -15.78 -41.53 -4.29
CA ARG A 222 -14.88 -41.55 -5.43
C ARG A 222 -13.41 -41.65 -5.05
N ALA A 223 -13.08 -41.62 -3.75
CA ALA A 223 -11.69 -41.61 -3.34
C ALA A 223 -10.95 -42.86 -3.82
N VAL A 224 -9.67 -42.69 -4.16
CA VAL A 224 -8.84 -43.82 -4.58
C VAL A 224 -8.53 -44.73 -3.41
N THR A 225 -8.63 -46.03 -3.65
CA THR A 225 -8.22 -47.12 -2.78
C THR A 225 -7.14 -47.92 -3.50
N ASP A 226 -7.10 -49.22 -3.23
CA ASP A 226 -6.18 -50.18 -3.81
C ASP A 226 -6.93 -51.42 -4.28
N SER A 227 -6.20 -52.36 -4.84
CA SER A 227 -6.84 -53.57 -5.41
C SER A 227 -6.47 -54.79 -4.58
N ASP A 228 -6.06 -54.57 -3.35
CA ASP A 228 -5.68 -55.66 -2.48
C ASP A 228 -6.80 -56.70 -2.39
N GLU A 229 -6.46 -57.95 -2.67
CA GLU A 229 -7.38 -59.07 -2.50
C GLU A 229 -6.65 -60.08 -1.64
N PRO A 230 -7.09 -60.32 -0.40
CA PRO A 230 -8.35 -59.81 0.17
C PRO A 230 -8.31 -58.32 0.47
N PRO A 231 -9.48 -57.67 0.47
CA PRO A 231 -9.55 -56.29 0.97
C PRO A 231 -9.11 -56.21 2.42
N VAL A 232 -8.34 -55.17 2.75
CA VAL A 232 -7.84 -54.94 4.10
C VAL A 232 -7.93 -53.46 4.43
N VAL A 233 -8.28 -53.15 5.68
CA VAL A 233 -8.28 -51.79 6.23
C VAL A 233 -7.10 -51.72 7.18
N ARG A 234 -5.93 -51.38 6.64
CA ARG A 234 -4.67 -51.34 7.37
C ARG A 234 -3.97 -50.04 6.98
N TYR A 235 -3.09 -49.55 7.86
CA TYR A 235 -2.38 -48.29 7.61
C TYR A 235 -0.98 -48.57 7.07
N ASP A 236 -0.83 -48.42 5.75
CA ASP A 236 0.44 -48.55 5.01
C ASP A 236 0.51 -47.38 4.03
N VAL A 237 1.28 -46.35 4.38
CA VAL A 237 1.20 -45.09 3.63
C VAL A 237 1.81 -45.25 2.27
N GLN A 238 2.76 -46.17 2.16
CA GLN A 238 3.40 -46.47 0.89
C GLN A 238 2.45 -47.22 -0.02
N ASN A 239 1.90 -48.33 0.48
CA ASN A 239 1.11 -49.27 -0.33
C ASN A 239 -0.38 -48.96 -0.39
N LYS A 240 -1.00 -48.74 0.77
CA LYS A 240 -2.39 -48.35 0.91
C LYS A 240 -2.51 -46.86 1.26
N ALA A 241 -2.24 -46.00 0.30
CA ALA A 241 -2.34 -44.55 0.57
C ALA A 241 -3.78 -44.15 0.84
N GLY A 242 -4.64 -44.32 -0.16
CA GLY A 242 -6.02 -43.86 -0.06
C GLY A 242 -6.76 -44.39 1.15
N VAL A 243 -6.48 -45.65 1.52
CA VAL A 243 -7.06 -46.19 2.75
C VAL A 243 -6.33 -45.66 3.98
N SER A 244 -5.02 -45.42 3.90
CA SER A 244 -4.35 -44.73 4.99
C SER A 244 -5.00 -43.39 5.24
N ASN A 245 -5.20 -42.62 4.17
CA ASN A 245 -5.76 -41.28 4.24
C ASN A 245 -7.16 -41.33 4.87
N LEU A 246 -8.01 -42.23 4.37
CA LEU A 246 -9.34 -42.38 4.96
C LEU A 246 -9.25 -42.61 6.45
N LEU A 247 -8.22 -43.32 6.91
CA LEU A 247 -8.11 -43.51 8.35
C LEU A 247 -7.66 -42.24 9.06
N ASP A 248 -6.66 -41.54 8.48
CA ASP A 248 -6.16 -40.32 9.10
C ASP A 248 -7.28 -39.29 9.25
N ILE A 249 -8.15 -39.19 8.23
CA ILE A 249 -9.29 -38.29 8.33
C ILE A 249 -10.20 -38.74 9.46
N LEU A 250 -10.64 -40.00 9.41
CA LEU A 250 -11.58 -40.53 10.39
C LEU A 250 -11.00 -40.42 11.80
N SER A 251 -9.79 -40.94 11.99
CA SER A 251 -9.10 -40.78 13.27
C SER A 251 -9.13 -39.34 13.74
N ALA A 252 -9.06 -38.39 12.82
CA ALA A 252 -9.03 -37.00 13.23
C ALA A 252 -10.40 -36.53 13.70
N VAL A 253 -11.46 -36.93 13.00
CA VAL A 253 -12.81 -36.57 13.39
C VAL A 253 -13.17 -37.18 14.73
N THR A 254 -12.80 -38.44 14.94
CA THR A 254 -13.24 -39.16 16.12
C THR A 254 -12.26 -39.10 17.28
N GLY A 255 -10.97 -38.94 17.01
CA GLY A 255 -9.96 -39.09 18.04
C GLY A 255 -9.47 -40.51 18.25
N GLN A 256 -10.15 -41.49 17.66
CA GLN A 256 -9.72 -42.88 17.77
C GLN A 256 -8.37 -43.07 17.09
N SER A 257 -7.61 -44.03 17.61
CA SER A 257 -6.27 -44.31 17.10
C SER A 257 -6.33 -45.16 15.83
N ILE A 258 -5.22 -45.14 15.11
CA ILE A 258 -5.09 -45.97 13.91
C ILE A 258 -5.27 -47.46 14.26
N PRO A 259 -4.60 -48.00 15.28
CA PRO A 259 -4.83 -49.42 15.60
C PRO A 259 -6.26 -49.70 16.03
N GLU A 260 -6.90 -48.76 16.75
CA GLU A 260 -8.30 -48.95 17.12
C GLU A 260 -9.17 -49.06 15.89
N LEU A 261 -8.95 -48.17 14.92
CA LEU A 261 -9.68 -48.20 13.66
C LEU A 261 -9.44 -49.48 12.90
N GLU A 262 -8.18 -49.92 12.81
CA GLU A 262 -7.90 -51.16 12.12
C GLU A 262 -8.69 -52.30 12.73
N LYS A 263 -8.65 -52.40 14.06
CA LYS A 263 -9.41 -53.44 14.75
C LYS A 263 -10.90 -53.31 14.47
N GLN A 264 -11.41 -52.06 14.42
CA GLN A 264 -12.84 -51.87 14.22
C GLN A 264 -13.28 -52.26 12.81
N PHE A 265 -12.38 -52.20 11.84
CA PHE A 265 -12.73 -52.44 10.44
C PHE A 265 -12.25 -53.80 9.94
N GLU A 266 -11.83 -54.67 10.85
CA GLU A 266 -11.43 -56.02 10.48
C GLU A 266 -12.59 -56.72 9.79
N GLY A 267 -12.35 -57.19 8.58
CA GLY A 267 -13.40 -57.84 7.82
C GLY A 267 -14.39 -56.91 7.16
N LYS A 268 -14.10 -55.63 7.09
CA LYS A 268 -14.98 -54.75 6.36
C LYS A 268 -14.28 -54.29 5.11
N MET A 269 -15.04 -54.04 4.07
CA MET A 269 -14.50 -53.63 2.78
C MET A 269 -14.45 -52.10 2.71
N TYR A 270 -14.04 -51.57 1.56
CA TYR A 270 -13.80 -50.14 1.48
C TYR A 270 -15.08 -49.35 1.32
N GLY A 271 -16.09 -49.89 0.63
CA GLY A 271 -17.39 -49.25 0.56
C GLY A 271 -18.02 -48.96 1.90
N HIS A 272 -17.63 -49.69 2.94
CA HIS A 272 -18.11 -49.49 4.30
C HIS A 272 -17.30 -48.40 4.97
N LEU A 273 -15.97 -48.48 4.85
CA LEU A 273 -15.09 -47.45 5.36
C LEU A 273 -15.40 -46.08 4.75
N LYS A 274 -15.77 -46.08 3.51
CA LYS A 274 -16.06 -44.83 2.92
C LYS A 274 -17.30 -44.32 3.61
N GLY A 275 -18.37 -45.06 3.48
CA GLY A 275 -19.60 -44.60 4.09
C GLY A 275 -19.41 -44.18 5.52
N GLU A 276 -18.58 -44.93 6.27
CA GLU A 276 -18.38 -44.62 7.67
C GLU A 276 -17.64 -43.30 7.83
N VAL A 277 -16.63 -43.08 6.98
CA VAL A 277 -15.86 -41.85 7.02
C VAL A 277 -16.72 -40.67 6.59
N ALA A 278 -17.66 -40.89 5.68
CA ALA A 278 -18.51 -39.77 5.23
C ALA A 278 -19.54 -39.38 6.28
N ASP A 279 -20.10 -40.35 7.02
CA ASP A 279 -21.05 -40.02 8.08
C ASP A 279 -20.36 -39.31 9.22
N ALA A 280 -19.06 -39.59 9.42
CA ALA A 280 -18.31 -38.93 10.48
C ALA A 280 -17.91 -37.52 10.08
N VAL A 281 -17.46 -37.33 8.84
CA VAL A 281 -17.13 -35.99 8.37
C VAL A 281 -18.37 -35.11 8.42
N SER A 282 -19.44 -35.54 7.74
CA SER A 282 -20.64 -34.70 7.64
C SER A 282 -21.28 -34.47 9.00
N GLY A 283 -21.11 -35.42 9.94
CA GLY A 283 -21.59 -35.17 11.30
C GLY A 283 -20.85 -34.03 11.98
N MET A 284 -19.52 -33.98 11.81
CA MET A 284 -18.76 -32.86 12.35
C MET A 284 -19.19 -31.55 11.71
N LEU A 285 -19.39 -31.55 10.40
CA LEU A 285 -19.70 -30.32 9.69
C LEU A 285 -21.15 -29.86 9.87
N THR A 286 -22.04 -30.71 10.36
CA THR A 286 -23.40 -30.24 10.66
C THR A 286 -23.39 -29.24 11.80
N GLU A 287 -22.62 -29.51 12.87
CA GLU A 287 -22.63 -28.57 13.98
C GLU A 287 -22.02 -27.24 13.55
N LEU A 288 -20.84 -27.30 12.93
CA LEU A 288 -20.14 -26.12 12.46
C LEU A 288 -20.90 -25.42 11.34
N GLN A 289 -21.82 -26.11 10.68
CA GLN A 289 -22.69 -25.49 9.69
C GLN A 289 -23.94 -24.93 10.30
N GLU A 290 -24.57 -25.63 11.24
CA GLU A 290 -25.57 -25.00 12.11
C GLU A 290 -25.04 -23.64 12.54
N ARG A 291 -23.90 -23.64 13.19
CA ARG A 291 -23.39 -22.39 13.75
C ARG A 291 -23.21 -21.34 12.71
N TYR A 292 -22.42 -21.66 11.72
CA TYR A 292 -22.15 -20.70 10.66
C TYR A 292 -23.37 -19.86 10.27
N HIS A 293 -24.52 -20.48 10.02
CA HIS A 293 -25.63 -19.70 9.49
C HIS A 293 -26.19 -18.73 10.54
N ARG A 294 -26.26 -19.16 11.79
CA ARG A 294 -26.50 -18.23 12.88
C ARG A 294 -25.64 -16.98 12.72
N PHE A 295 -24.33 -17.17 12.60
CA PHE A 295 -23.43 -16.03 12.52
C PHE A 295 -23.60 -15.30 11.20
N ARG A 296 -23.77 -16.05 10.12
CA ARG A 296 -23.90 -15.45 8.79
C ARG A 296 -25.21 -14.68 8.62
N ASN A 297 -26.25 -15.08 9.37
CA ASN A 297 -27.50 -14.35 9.32
C ASN A 297 -27.55 -13.14 10.24
N ASP A 298 -26.70 -13.10 11.26
CA ASP A 298 -26.79 -12.09 12.31
C ASP A 298 -26.01 -10.85 11.92
N GLU A 299 -26.55 -10.15 10.91
CA GLU A 299 -25.94 -8.93 10.37
C GLU A 299 -25.42 -8.01 11.45
N ALA A 300 -26.22 -7.76 12.49
CA ALA A 300 -25.76 -6.97 13.62
C ALA A 300 -24.46 -7.55 14.18
N PHE A 301 -24.48 -8.84 14.58
CA PHE A 301 -23.32 -9.41 15.25
C PHE A 301 -22.08 -9.32 14.38
N LEU A 302 -22.26 -9.50 13.07
CA LEU A 302 -21.13 -9.40 12.15
C LEU A 302 -20.57 -8.00 12.16
N GLN A 303 -21.44 -6.99 11.96
CA GLN A 303 -20.96 -5.62 11.98
C GLN A 303 -20.31 -5.25 13.31
N GLN A 304 -20.63 -5.97 14.39
CA GLN A 304 -20.01 -5.63 15.68
C GLN A 304 -18.62 -6.24 15.80
N VAL A 305 -18.46 -7.47 15.28
CA VAL A 305 -17.17 -8.15 15.39
C VAL A 305 -16.15 -7.44 14.53
N MET A 306 -16.61 -6.91 13.39
CA MET A 306 -15.79 -6.03 12.57
C MET A 306 -15.44 -4.74 13.32
N LYS A 307 -16.46 -3.99 13.76
CA LYS A 307 -16.20 -2.71 14.45
C LYS A 307 -15.22 -2.90 15.60
N ASP A 308 -15.53 -3.81 16.51
CA ASP A 308 -14.67 -4.02 17.67
C ASP A 308 -13.30 -4.52 17.23
N GLY A 309 -13.28 -5.44 16.25
CA GLY A 309 -12.02 -6.04 15.83
C GLY A 309 -11.06 -5.04 15.20
N ALA A 310 -11.55 -4.20 14.29
CA ALA A 310 -10.70 -3.19 13.68
C ALA A 310 -10.23 -2.16 14.72
N GLU A 311 -11.07 -1.83 15.71
CA GLU A 311 -10.64 -0.91 16.75
C GLU A 311 -9.41 -1.45 17.47
N LYS A 312 -9.43 -2.74 17.82
CA LYS A 312 -8.26 -3.34 18.47
C LYS A 312 -7.03 -3.38 17.55
N ALA A 313 -7.22 -3.67 16.26
CA ALA A 313 -6.07 -3.72 15.35
C ALA A 313 -5.46 -2.34 15.17
N SER A 314 -6.31 -1.36 14.84
CA SER A 314 -5.79 -0.09 14.36
C SER A 314 -5.12 0.67 15.48
N ALA A 315 -5.37 0.27 16.73
CA ALA A 315 -4.65 0.79 17.89
C ALA A 315 -3.23 0.26 17.91
N HIS A 316 -3.08 -1.05 17.82
CA HIS A 316 -1.76 -1.66 17.87
C HIS A 316 -0.94 -1.26 16.65
N ALA A 317 -1.60 -0.98 15.53
CA ALA A 317 -0.87 -0.72 14.29
C ALA A 317 -0.36 0.72 14.24
N SER A 318 -1.16 1.68 14.69
CA SER A 318 -0.69 3.07 14.67
C SER A 318 0.51 3.27 15.59
N ARG A 319 0.59 2.50 16.68
CA ARG A 319 1.81 2.57 17.48
C ARG A 319 3.00 2.26 16.60
N THR A 320 2.96 1.11 15.91
CA THR A 320 4.06 0.73 15.04
C THR A 320 4.22 1.74 13.89
N LEU A 321 3.11 2.15 13.26
CA LEU A 321 3.24 3.07 12.13
C LEU A 321 3.89 4.38 12.59
N LYS A 322 3.56 4.84 13.80
CA LYS A 322 4.21 6.05 14.30
C LYS A 322 5.70 5.83 14.46
N ALA A 323 6.09 4.72 15.08
CA ALA A 323 7.52 4.44 15.23
C ALA A 323 8.21 4.41 13.86
N VAL A 324 7.61 3.76 12.86
CA VAL A 324 8.20 3.75 11.51
C VAL A 324 8.37 5.16 10.98
N TYR A 325 7.25 5.91 10.84
CA TYR A 325 7.29 7.26 10.27
C TYR A 325 8.29 8.14 11.00
N GLU A 326 8.43 7.93 12.33
CA GLU A 326 9.47 8.62 13.06
C GLU A 326 10.86 8.26 12.52
N ALA A 327 11.21 6.97 12.53
CA ALA A 327 12.50 6.55 11.99
C ALA A 327 12.73 7.10 10.60
N ILE A 328 11.67 7.07 9.77
CA ILE A 328 11.74 7.40 8.35
C ILE A 328 12.26 8.81 8.12
N GLY A 329 11.65 9.75 8.81
CA GLY A 329 11.99 11.14 8.62
C GLY A 329 10.78 12.02 8.40
N PHE A 330 9.62 11.53 8.74
CA PHE A 330 8.42 12.25 8.46
C PHE A 330 7.98 13.10 9.61
N VAL A 331 7.16 14.10 9.35
CA VAL A 331 6.63 14.93 10.38
C VAL A 331 5.37 14.30 10.78
N ALA A 332 5.09 14.25 12.06
CA ALA A 332 3.92 13.55 12.53
C ALA A 332 2.63 14.25 12.26
N LYS A 333 1.56 13.49 12.17
CA LYS A 333 0.28 14.06 11.92
C LYS A 333 -0.10 14.78 13.14
N ARG A 334 -0.72 15.92 12.95
CA ARG A 334 -1.06 16.74 14.06
C ARG A 334 -2.46 16.40 14.40
N HIS A 335 -2.63 15.62 15.43
CA HIS A 335 -3.94 15.18 15.76
C HIS A 335 -4.66 16.27 16.49
N HIS A 336 -4.34 16.43 17.77
CA HIS A 336 -5.00 17.46 18.56
C HIS A 336 -4.03 18.05 19.50
N HIS A 337 -4.27 19.28 19.88
CA HIS A 337 -3.31 19.98 20.69
C HIS A 337 -2.82 19.19 21.84
N HIS A 338 -3.63 18.28 22.35
CA HIS A 338 -3.18 17.60 23.53
C HIS A 338 -2.94 16.17 23.20
N HIS A 339 -2.48 15.93 21.99
CA HIS A 339 -2.17 14.59 21.57
C HIS A 339 -0.74 14.26 21.89
N HIS A 340 -0.50 13.09 22.44
CA HIS A 340 0.85 12.65 22.66
C HIS A 340 0.96 11.20 22.26
N LYS B 3 -15.84 25.20 -9.56
CA LYS B 3 -14.49 25.77 -9.69
C LYS B 3 -13.45 24.66 -9.97
N PRO B 4 -12.44 24.96 -10.80
CA PRO B 4 -11.56 23.90 -11.31
C PRO B 4 -10.57 23.49 -10.22
N ILE B 5 -10.53 22.19 -9.91
CA ILE B 5 -9.69 21.66 -8.82
C ILE B 5 -8.28 21.39 -9.37
N VAL B 6 -7.26 22.02 -8.78
CA VAL B 6 -5.89 21.90 -9.26
C VAL B 6 -5.06 21.24 -8.17
N PHE B 7 -4.40 20.15 -8.52
CA PHE B 7 -3.52 19.45 -7.62
C PHE B 7 -2.07 19.69 -8.05
N SER B 8 -1.22 20.09 -7.10
CA SER B 8 0.20 20.28 -7.36
C SER B 8 1.01 19.70 -6.21
N GLY B 9 1.95 18.80 -6.50
CA GLY B 9 2.75 18.16 -5.47
C GLY B 9 4.05 18.92 -5.18
N ALA B 10 4.38 19.02 -3.88
CA ALA B 10 5.52 19.80 -3.39
C ALA B 10 6.58 18.85 -2.81
N GLN B 11 7.67 18.69 -3.54
CA GLN B 11 8.74 17.79 -3.10
C GLN B 11 9.45 18.42 -1.91
N PRO B 12 9.48 17.77 -0.74
CA PRO B 12 10.18 18.36 0.41
C PRO B 12 11.64 18.68 0.14
N SER B 13 12.38 17.75 -0.45
CA SER B 13 13.83 17.86 -0.42
C SER B 13 14.31 18.98 -1.33
N GLY B 14 13.75 19.09 -2.52
CA GLY B 14 14.16 20.15 -3.45
C GLY B 14 13.95 21.57 -2.96
N GLU B 15 15.01 22.39 -3.00
CA GLU B 15 14.98 23.79 -2.61
C GLU B 15 14.53 24.65 -3.78
N LEU B 16 13.48 25.45 -3.57
CA LEU B 16 12.82 26.14 -4.67
C LEU B 16 13.71 27.21 -5.29
N THR B 17 13.61 27.36 -6.62
CA THR B 17 14.43 28.30 -7.38
C THR B 17 13.58 29.47 -7.90
N ILE B 18 14.26 30.59 -8.13
CA ILE B 18 13.62 31.77 -8.72
C ILE B 18 12.86 31.39 -9.99
N GLY B 19 13.37 30.41 -10.74
CA GLY B 19 12.64 29.92 -11.89
C GLY B 19 11.28 29.37 -11.53
N ASN B 20 11.18 28.72 -10.37
CA ASN B 20 9.91 28.11 -9.98
C ASN B 20 8.90 29.19 -9.66
N TYR B 21 9.37 30.24 -8.99
CA TYR B 21 8.47 31.26 -8.44
C TYR B 21 7.95 32.14 -9.55
N MET B 22 8.85 32.66 -10.38
CA MET B 22 8.42 33.59 -11.41
C MET B 22 7.79 32.83 -12.54
N GLY B 23 8.15 31.56 -12.67
CA GLY B 23 7.61 30.65 -13.64
C GLY B 23 6.18 30.27 -13.32
N ALA B 24 5.87 30.05 -12.04
CA ALA B 24 4.55 29.52 -11.70
C ALA B 24 3.99 30.20 -10.45
N LEU B 25 4.66 29.97 -9.32
CA LEU B 25 4.06 30.24 -8.03
C LEU B 25 3.51 31.66 -7.94
N ARG B 26 4.35 32.67 -8.22
CA ARG B 26 3.94 34.07 -8.14
C ARG B 26 2.60 34.31 -8.82
N GLN B 27 2.40 33.72 -10.00
CA GLN B 27 1.08 33.82 -10.62
C GLN B 27 0.05 33.06 -9.81
N TRP B 28 0.28 31.76 -9.59
CA TRP B 28 -0.66 30.92 -8.84
C TRP B 28 -1.07 31.55 -7.53
N VAL B 29 -0.15 32.21 -6.85
CA VAL B 29 -0.49 32.87 -5.59
C VAL B 29 -1.69 33.79 -5.78
N ASN B 30 -1.74 34.53 -6.89
CA ASN B 30 -2.85 35.42 -7.21
C ASN B 30 -3.97 34.72 -7.99
N MET B 31 -4.14 33.40 -7.77
CA MET B 31 -5.18 32.65 -8.48
C MET B 31 -6.00 31.79 -7.54
N GLN B 32 -5.84 31.94 -6.23
CA GLN B 32 -6.46 31.03 -5.28
C GLN B 32 -7.93 31.31 -5.06
N ASP B 33 -8.47 32.39 -5.63
CA ASP B 33 -9.88 32.70 -5.51
C ASP B 33 -10.68 32.19 -6.70
N ASP B 34 -10.06 32.12 -7.87
CA ASP B 34 -10.72 31.58 -9.05
C ASP B 34 -10.63 30.06 -9.12
N TYR B 35 -9.44 29.50 -8.86
CA TYR B 35 -9.23 28.05 -8.84
C TYR B 35 -9.27 27.49 -7.41
N HIS B 36 -9.62 26.22 -7.31
CA HIS B 36 -9.54 25.46 -6.05
C HIS B 36 -8.19 24.72 -6.03
N CYS B 37 -7.16 25.40 -5.54
CA CYS B 37 -5.80 24.93 -5.55
C CYS B 37 -5.50 24.03 -4.37
N ILE B 38 -4.73 22.96 -4.62
CA ILE B 38 -4.34 21.97 -3.62
C ILE B 38 -2.83 21.79 -3.69
N TYR B 39 -2.17 21.80 -2.53
CA TYR B 39 -0.71 21.71 -2.45
C TYR B 39 -0.36 20.58 -1.49
N CYS B 40 0.22 19.50 -2.04
CA CYS B 40 0.52 18.30 -1.28
C CYS B 40 2.05 18.13 -1.20
N ILE B 41 2.58 18.25 0.02
CA ILE B 41 4.02 18.03 0.25
C ILE B 41 4.25 16.53 0.26
N VAL B 42 4.80 16.00 -0.83
CA VAL B 42 4.77 14.56 -1.09
C VAL B 42 5.94 13.86 -0.38
N ASP B 43 5.86 13.79 0.95
CA ASP B 43 6.96 13.15 1.67
C ASP B 43 7.03 11.65 1.42
N GLN B 44 5.95 11.01 1.00
CA GLN B 44 6.06 9.58 0.74
C GLN B 44 6.73 9.32 -0.60
N HIS B 45 6.63 10.26 -1.53
CA HIS B 45 7.41 10.10 -2.74
C HIS B 45 8.87 10.37 -2.52
N ALA B 46 9.23 10.89 -1.37
CA ALA B 46 10.58 11.32 -1.14
C ALA B 46 11.45 10.18 -0.62
N ILE B 47 10.82 9.17 -0.02
CA ILE B 47 11.55 8.07 0.61
C ILE B 47 11.99 7.04 -0.40
N THR B 48 11.56 7.16 -1.66
CA THR B 48 12.00 6.23 -2.70
C THR B 48 13.51 6.30 -2.90
N VAL B 49 14.12 7.41 -2.50
CA VAL B 49 15.56 7.59 -2.38
C VAL B 49 15.88 7.48 -0.89
N ARG B 50 17.06 6.96 -0.56
CA ARG B 50 17.45 7.00 0.85
C ARG B 50 17.97 8.38 1.16
N GLN B 51 17.86 8.81 2.43
CA GLN B 51 18.38 10.12 2.82
C GLN B 51 18.30 10.26 4.34
N ASP B 52 18.80 11.40 4.83
CA ASP B 52 18.76 11.70 6.26
C ASP B 52 17.32 11.92 6.74
N ALA B 53 16.92 11.16 7.76
CA ALA B 53 15.56 11.28 8.26
C ALA B 53 15.31 12.68 8.78
N GLN B 54 16.16 13.17 9.68
CA GLN B 54 16.00 14.51 10.23
C GLN B 54 16.02 15.56 9.15
N LYS B 55 16.74 15.37 8.09
CA LYS B 55 16.72 16.44 7.13
C LYS B 55 15.38 16.55 6.48
N LEU B 56 14.74 15.42 6.27
CA LEU B 56 13.51 15.46 5.56
C LEU B 56 12.54 16.18 6.37
N ARG B 57 12.48 15.86 7.64
CA ARG B 57 11.50 16.48 8.47
C ARG B 57 11.61 17.96 8.31
N LYS B 58 12.79 18.48 8.53
CA LYS B 58 12.99 19.89 8.41
C LYS B 58 12.57 20.34 7.09
N ALA B 59 12.99 19.63 6.10
CA ALA B 59 12.69 20.02 4.76
C ALA B 59 11.22 20.17 4.53
N THR B 60 10.49 19.16 4.88
CA THR B 60 9.09 19.23 4.71
C THR B 60 8.62 20.56 5.21
N LEU B 61 9.03 20.91 6.41
CA LEU B 61 8.55 22.13 7.02
C LEU B 61 9.11 23.35 6.34
N ASP B 62 10.39 23.32 6.06
CA ASP B 62 10.95 24.41 5.36
C ASP B 62 10.13 24.59 4.13
N THR B 63 9.81 23.52 3.43
CA THR B 63 9.12 23.65 2.16
C THR B 63 7.72 24.21 2.38
N LEU B 64 7.00 23.66 3.36
CA LEU B 64 5.71 24.21 3.79
C LEU B 64 5.82 25.70 4.05
N ALA B 65 6.73 26.10 4.95
CA ALA B 65 6.78 27.51 5.32
C ALA B 65 7.17 28.39 4.13
N LEU B 66 7.96 27.86 3.19
CA LEU B 66 8.29 28.68 2.03
C LEU B 66 7.08 28.89 1.14
N TYR B 67 6.20 27.88 1.01
CA TYR B 67 5.00 28.08 0.20
C TYR B 67 4.06 29.09 0.87
N LEU B 68 3.93 29.03 2.19
CA LEU B 68 3.13 30.03 2.90
C LEU B 68 3.71 31.43 2.74
N ALA B 69 5.04 31.56 2.69
CA ALA B 69 5.65 32.88 2.51
C ALA B 69 5.44 33.40 1.09
N CYS B 70 5.52 32.53 0.09
CA CYS B 70 5.36 32.98 -1.29
C CYS B 70 3.93 33.46 -1.55
N GLY B 71 3.01 33.21 -0.64
CA GLY B 71 1.72 33.85 -0.71
C GLY B 71 0.53 32.91 -0.63
N ILE B 72 0.77 31.62 -0.41
CA ILE B 72 -0.31 30.64 -0.43
C ILE B 72 -1.16 30.75 0.84
N ASP B 73 -2.46 30.94 0.66
CA ASP B 73 -3.35 31.15 1.78
C ASP B 73 -3.75 29.79 2.31
N PRO B 74 -3.44 29.44 3.55
CA PRO B 74 -3.91 28.15 4.09
C PRO B 74 -5.40 28.06 4.23
N GLU B 75 -6.12 29.19 4.18
CA GLU B 75 -7.58 29.22 4.32
C GLU B 75 -8.31 29.35 2.98
N LYS B 76 -7.61 29.71 1.91
CA LYS B 76 -8.17 29.65 0.57
C LYS B 76 -7.78 28.36 -0.18
N SER B 77 -6.57 27.87 0.01
CA SER B 77 -6.14 26.64 -0.64
C SER B 77 -6.00 25.52 0.40
N THR B 78 -5.77 24.31 -0.10
CA THR B 78 -5.53 23.15 0.75
C THR B 78 -4.05 22.83 0.62
N ILE B 79 -3.29 23.14 1.66
CA ILE B 79 -1.89 22.75 1.78
C ILE B 79 -1.76 21.75 2.91
N PHE B 80 -0.96 20.71 2.69
CA PHE B 80 -0.86 19.61 3.64
C PHE B 80 0.29 18.69 3.24
N VAL B 81 0.67 17.82 4.18
CA VAL B 81 1.73 16.84 4.00
C VAL B 81 1.09 15.52 3.61
N GLN B 82 1.61 14.91 2.56
CA GLN B 82 0.99 13.71 2.01
C GLN B 82 0.74 12.65 3.08
N SER B 83 1.77 12.33 3.84
CA SER B 83 1.67 11.21 4.77
C SER B 83 0.57 11.44 5.82
N HIS B 84 0.21 12.69 6.10
CA HIS B 84 -0.78 12.96 7.13
C HIS B 84 -2.18 12.62 6.70
N VAL B 85 -2.35 12.15 5.46
CA VAL B 85 -3.60 11.67 4.89
C VAL B 85 -3.41 10.23 4.43
N PRO B 86 -4.03 9.24 5.09
CA PRO B 86 -3.79 7.84 4.71
C PRO B 86 -4.43 7.46 3.38
N GLU B 87 -5.50 8.16 3.01
CA GLU B 87 -6.19 7.89 1.77
C GLU B 87 -5.21 7.70 0.60
N HIS B 88 -4.04 8.33 0.67
CA HIS B 88 -3.10 8.24 -0.46
C HIS B 88 -2.54 6.83 -0.60
N ALA B 89 -1.99 6.27 0.47
CA ALA B 89 -1.57 4.87 0.36
C ALA B 89 -2.76 3.95 0.18
N GLN B 90 -3.91 4.23 0.78
CA GLN B 90 -5.05 3.34 0.60
C GLN B 90 -5.43 3.26 -0.87
N LEU B 91 -5.55 4.40 -1.54
CA LEU B 91 -5.87 4.34 -2.96
C LEU B 91 -4.67 3.87 -3.79
N GLY B 92 -3.46 4.29 -3.43
CA GLY B 92 -2.29 3.74 -4.08
C GLY B 92 -2.32 2.21 -4.16
N TRP B 93 -2.64 1.55 -3.04
CA TRP B 93 -2.70 0.09 -3.10
C TRP B 93 -3.75 -0.37 -4.09
N ALA B 94 -4.97 0.14 -3.96
CA ALA B 94 -6.05 -0.28 -4.83
C ALA B 94 -5.73 0.04 -6.29
N LEU B 95 -5.23 1.25 -6.56
CA LEU B 95 -4.90 1.52 -7.95
C LEU B 95 -3.70 0.71 -8.41
N ASN B 96 -3.00 0.07 -7.52
CA ASN B 96 -1.92 -0.77 -7.95
C ASN B 96 -2.48 -1.93 -8.67
N CYS B 97 -3.69 -2.31 -8.35
CA CYS B 97 -4.27 -3.47 -8.93
C CYS B 97 -4.99 -3.19 -10.21
N TYR B 98 -4.66 -2.09 -10.86
CA TYR B 98 -5.39 -1.72 -12.02
C TYR B 98 -4.42 -1.02 -12.93
N THR B 99 -3.16 -1.06 -12.57
CA THR B 99 -2.11 -0.53 -13.40
C THR B 99 -1.28 -1.73 -13.84
N TYR B 100 -0.90 -1.80 -15.11
CA TYR B 100 -0.25 -3.04 -15.56
C TYR B 100 1.26 -2.98 -15.43
N PHE B 101 1.85 -4.15 -15.08
CA PHE B 101 3.29 -4.27 -14.91
C PHE B 101 4.03 -3.67 -16.08
N GLY B 102 3.59 -3.96 -17.31
CA GLY B 102 4.21 -3.35 -18.47
C GLY B 102 4.26 -1.83 -18.41
N GLU B 103 3.09 -1.19 -18.22
CA GLU B 103 3.02 0.27 -18.18
C GLU B 103 4.06 0.84 -17.24
N LEU B 104 4.20 0.22 -16.07
CA LEU B 104 5.14 0.69 -15.07
C LEU B 104 6.57 0.49 -15.52
N SER B 105 6.92 -0.73 -15.91
CA SER B 105 8.28 -0.95 -16.36
C SER B 105 8.61 -0.10 -17.57
N ARG B 106 7.64 0.06 -18.47
CA ARG B 106 7.84 0.90 -19.68
C ARG B 106 8.22 2.34 -19.30
N MET B 107 7.92 2.77 -18.07
CA MET B 107 8.16 4.18 -17.71
C MET B 107 9.60 4.56 -17.96
N THR B 108 9.80 5.70 -18.63
CA THR B 108 11.14 6.24 -18.84
C THR B 108 11.98 6.23 -17.56
N GLN B 109 11.45 6.76 -16.46
CA GLN B 109 12.29 6.93 -15.28
C GLN B 109 12.78 5.59 -14.72
N PHE B 110 11.97 4.54 -14.78
CA PHE B 110 12.41 3.25 -14.25
C PHE B 110 13.31 2.51 -15.22
N LYS B 111 12.82 2.34 -16.42
CA LYS B 111 13.55 1.57 -17.39
C LYS B 111 14.94 2.00 -17.32
N ASP B 112 15.13 3.30 -17.13
CA ASP B 112 16.51 3.83 -17.17
C ASP B 112 17.23 3.38 -15.91
N LYS B 113 16.66 3.55 -14.73
CA LYS B 113 17.45 3.14 -13.54
C LYS B 113 17.66 1.64 -13.66
N SER B 114 16.87 1.01 -14.52
CA SER B 114 17.09 -0.43 -14.75
C SER B 114 18.07 -0.60 -15.91
N ALA B 115 18.57 0.51 -16.47
CA ALA B 115 19.60 0.41 -17.52
C ALA B 115 20.89 -0.10 -16.88
N ARG B 116 21.50 0.71 -16.02
CA ARG B 116 22.71 0.26 -15.30
C ARG B 116 22.43 -1.08 -14.63
N ALA B 118 21.28 2.50 -11.22
CA ALA B 118 21.12 1.19 -10.62
C ALA B 118 21.45 1.26 -9.14
N GLU B 119 20.94 2.29 -8.48
CA GLU B 119 21.26 2.47 -7.08
C GLU B 119 20.22 1.87 -6.10
N ASN B 120 18.95 2.25 -6.18
CA ASN B 120 17.98 1.64 -5.29
C ASN B 120 16.80 1.26 -6.12
N ILE B 121 16.92 0.18 -6.87
CA ILE B 121 15.79 -0.27 -7.63
C ILE B 121 14.89 -0.93 -6.61
N ASN B 122 13.99 -0.15 -6.03
CA ASN B 122 13.10 -0.65 -5.04
C ASN B 122 11.71 -0.56 -5.55
N ALA B 123 10.82 -1.28 -4.92
CA ALA B 123 9.42 -1.22 -5.30
C ALA B 123 9.03 0.24 -5.36
N GLY B 124 9.67 1.05 -4.54
CA GLY B 124 9.32 2.43 -4.52
C GLY B 124 9.58 3.13 -5.80
N LEU B 125 10.77 3.00 -6.32
CA LEU B 125 11.00 3.62 -7.62
C LEU B 125 10.12 3.04 -8.70
N PHE B 126 9.55 1.90 -8.50
CA PHE B 126 8.69 1.37 -9.51
C PHE B 126 7.25 1.76 -9.33
N ASP B 127 6.68 1.59 -8.14
CA ASP B 127 5.24 1.82 -7.94
C ASP B 127 4.82 3.23 -7.69
N TYR B 128 5.74 4.15 -7.79
CA TYR B 128 5.42 5.51 -7.44
C TYR B 128 4.53 6.19 -8.41
N PRO B 129 4.61 5.79 -9.65
CA PRO B 129 3.71 6.52 -10.49
C PRO B 129 2.26 6.17 -10.23
N VAL B 130 2.00 5.18 -9.42
CA VAL B 130 0.66 4.79 -9.17
C VAL B 130 0.24 5.60 -8.03
N LEU B 131 1.13 5.76 -7.09
CA LEU B 131 0.83 6.63 -5.96
C LEU B 131 0.64 8.07 -6.43
N MET B 132 1.46 8.56 -7.34
CA MET B 132 1.11 9.85 -7.91
C MET B 132 -0.27 9.85 -8.54
N ALA B 133 -0.71 8.69 -9.08
CA ALA B 133 -2.07 8.69 -9.59
C ALA B 133 -3.08 8.77 -8.45
N ALA B 134 -2.87 8.05 -7.35
CA ALA B 134 -3.73 8.20 -6.17
C ALA B 134 -3.76 9.64 -5.68
N ASP B 135 -2.58 10.26 -5.59
CA ASP B 135 -2.49 11.68 -5.23
C ASP B 135 -3.49 12.52 -6.00
N ILE B 136 -3.68 12.23 -7.28
CA ILE B 136 -4.43 13.13 -8.15
C ILE B 136 -5.91 12.78 -8.14
N LEU B 137 -6.23 11.51 -8.30
CA LEU B 137 -7.62 11.11 -8.41
C LEU B 137 -8.38 11.24 -7.09
N LEU B 138 -7.68 11.30 -5.96
CA LEU B 138 -8.37 11.38 -4.67
C LEU B 138 -9.27 12.61 -4.60
N TYR B 139 -8.79 13.73 -5.11
CA TYR B 139 -9.39 15.05 -4.92
C TYR B 139 -10.22 15.51 -6.10
N GLN B 140 -10.74 14.58 -6.89
CA GLN B 140 -11.46 14.88 -8.12
C GLN B 140 -10.78 15.97 -8.92
N THR B 141 -9.45 15.92 -8.98
CA THR B 141 -8.67 16.93 -9.69
C THR B 141 -9.13 17.13 -11.12
N ASN B 142 -9.27 18.39 -11.51
CA ASN B 142 -9.59 18.77 -12.87
C ASN B 142 -8.35 19.11 -13.68
N LEU B 143 -7.39 19.83 -13.09
CA LEU B 143 -6.20 20.29 -13.79
C LEU B 143 -4.94 19.96 -12.99
N VAL B 144 -3.96 19.40 -13.66
CA VAL B 144 -2.66 19.06 -13.07
C VAL B 144 -1.55 19.83 -13.78
N PRO B 145 -0.86 20.72 -13.11
CA PRO B 145 0.35 21.31 -13.70
C PRO B 145 1.44 20.26 -13.90
N VAL B 146 1.66 19.84 -15.14
CA VAL B 146 2.68 18.83 -15.46
C VAL B 146 3.99 19.53 -15.77
N GLY B 147 5.03 19.22 -15.01
CA GLY B 147 6.36 19.76 -15.30
C GLY B 147 7.45 18.87 -14.74
N GLU B 148 8.66 19.09 -15.25
CA GLU B 148 9.87 18.35 -14.84
C GLU B 148 9.80 16.89 -15.27
N ASP B 149 9.49 16.68 -16.56
CA ASP B 149 9.50 15.35 -17.14
C ASP B 149 8.48 14.43 -16.46
N GLN B 150 7.31 14.97 -16.15
CA GLN B 150 6.23 14.18 -15.57
C GLN B 150 4.98 14.16 -16.45
N LYS B 151 5.15 14.17 -17.77
CA LYS B 151 3.98 14.07 -18.66
C LYS B 151 3.50 12.63 -18.77
N GLN B 152 4.43 11.67 -18.88
CA GLN B 152 4.05 10.26 -18.84
C GLN B 152 3.26 9.93 -17.57
N HIS B 153 3.63 10.52 -16.44
CA HIS B 153 2.99 10.19 -15.17
C HIS B 153 1.54 10.66 -15.12
N LEU B 154 1.24 11.75 -15.81
CA LEU B 154 -0.15 12.19 -15.96
C LEU B 154 -0.90 11.27 -16.93
N GLU B 155 -0.29 11.00 -18.09
CA GLU B 155 -0.85 10.11 -19.10
C GLU B 155 -1.32 8.82 -18.45
N LEU B 156 -0.42 8.21 -17.67
CA LEU B 156 -0.79 7.03 -16.89
C LEU B 156 -1.94 7.34 -15.93
N SER B 157 -1.86 8.46 -15.20
CA SER B 157 -2.97 8.80 -14.30
C SER B 157 -4.28 8.94 -15.06
N ARG B 158 -4.27 9.67 -16.17
CA ARG B 158 -5.43 9.66 -17.06
C ARG B 158 -5.80 8.23 -17.45
N ASP B 159 -4.82 7.43 -17.84
CA ASP B 159 -5.16 6.13 -18.41
C ASP B 159 -5.75 5.19 -17.36
N ILE B 160 -5.31 5.30 -16.10
CA ILE B 160 -5.88 4.49 -15.00
C ILE B 160 -7.30 4.95 -14.68
N ALA B 161 -7.51 6.27 -14.63
CA ALA B 161 -8.84 6.78 -14.32
C ALA B 161 -9.84 6.34 -15.37
N GLN B 162 -9.43 6.39 -16.63
CA GLN B 162 -10.24 5.88 -17.71
C GLN B 162 -10.54 4.40 -17.51
N ARG B 163 -9.55 3.64 -17.02
CA ARG B 163 -9.72 2.20 -16.85
C ARG B 163 -10.65 1.90 -15.69
N PHE B 164 -10.34 2.42 -14.49
CA PHE B 164 -11.19 2.12 -13.33
C PHE B 164 -12.63 2.58 -13.57
N ASN B 165 -12.79 3.79 -14.14
CA ASN B 165 -14.11 4.28 -14.47
C ASN B 165 -14.83 3.35 -15.41
N ALA B 166 -14.17 2.97 -16.52
CA ALA B 166 -14.74 2.05 -17.51
C ALA B 166 -15.18 0.72 -16.92
N LEU B 167 -14.74 0.38 -15.73
CA LEU B 167 -15.19 -0.88 -15.17
C LEU B 167 -16.24 -0.71 -14.08
N TYR B 168 -16.26 0.42 -13.38
CA TYR B 168 -17.00 0.52 -12.13
C TYR B 168 -18.03 1.64 -12.10
N GLY B 169 -17.83 2.68 -12.86
CA GLY B 169 -18.71 3.80 -12.82
C GLY B 169 -17.78 4.96 -12.99
N GLU B 170 -18.31 6.14 -13.18
CA GLU B 170 -17.47 7.30 -13.29
C GLU B 170 -17.12 7.88 -11.94
N ILE B 171 -16.39 7.14 -11.14
CA ILE B 171 -16.00 7.57 -9.82
C ILE B 171 -14.89 8.57 -9.83
N PHE B 172 -13.99 8.48 -10.79
CA PHE B 172 -12.92 9.45 -10.89
C PHE B 172 -13.12 10.43 -12.00
N LYS B 173 -12.40 11.51 -11.97
CA LYS B 173 -12.47 12.48 -13.05
C LYS B 173 -11.16 12.37 -13.81
N VAL B 174 -11.21 12.48 -15.13
CA VAL B 174 -9.97 12.36 -15.89
C VAL B 174 -9.22 13.69 -15.77
N PRO B 175 -8.04 13.72 -15.16
CA PRO B 175 -7.30 14.97 -15.07
C PRO B 175 -6.83 15.47 -16.43
N GLU B 176 -6.54 16.75 -16.53
CA GLU B 176 -6.09 17.32 -17.76
C GLU B 176 -4.92 18.19 -17.46
N PRO B 177 -4.00 18.24 -18.40
CA PRO B 177 -2.80 19.02 -18.20
C PRO B 177 -3.10 20.47 -18.22
N PHE B 178 -2.84 21.13 -17.13
CA PHE B 178 -3.01 22.55 -17.10
C PHE B 178 -2.06 23.18 -18.08
N ILE B 179 -2.54 24.13 -18.87
CA ILE B 179 -1.71 24.79 -19.87
C ILE B 179 -1.21 26.08 -19.34
N PRO B 180 0.08 26.15 -19.06
CA PRO B 180 0.60 27.35 -18.43
C PRO B 180 0.42 28.55 -19.29
N VAL B 186 12.87 30.75 -16.96
CA VAL B 186 14.25 31.13 -16.82
C VAL B 186 15.08 29.92 -17.07
N MET B 187 16.24 30.12 -17.66
CA MET B 187 17.12 29.01 -17.91
C MET B 187 18.24 28.93 -16.89
N SER B 188 18.92 27.80 -16.83
CA SER B 188 19.97 27.62 -15.84
C SER B 188 21.12 28.52 -16.13
N LEU B 189 21.70 29.10 -15.09
CA LEU B 189 22.76 30.06 -15.30
C LEU B 189 23.92 29.68 -16.18
N LEU B 190 24.71 28.70 -15.77
CA LEU B 190 25.89 28.36 -16.51
C LEU B 190 25.54 27.41 -17.62
N GLU B 191 24.27 27.28 -17.94
CA GLU B 191 23.87 26.47 -19.10
C GLU B 191 22.53 26.95 -19.57
N PRO B 192 22.48 28.17 -20.09
CA PRO B 192 21.23 28.75 -20.52
C PRO B 192 20.48 27.86 -21.46
N THR B 193 21.19 27.01 -22.14
CA THR B 193 20.53 26.06 -23.01
C THR B 193 19.68 25.15 -22.17
N LYS B 194 19.93 25.12 -20.87
CA LYS B 194 19.18 24.24 -19.98
C LYS B 194 18.40 25.05 -18.99
N LYS B 195 17.30 24.50 -18.54
CA LYS B 195 16.44 25.29 -17.67
C LYS B 195 16.93 25.21 -16.24
N MET B 196 16.54 26.20 -15.45
CA MET B 196 16.94 26.29 -14.07
C MET B 196 16.05 25.39 -13.22
N SER B 197 16.63 24.32 -12.66
CA SER B 197 15.89 23.25 -11.99
C SER B 197 16.37 23.05 -10.57
N LYS B 198 15.44 22.76 -9.66
CA LYS B 198 15.84 22.43 -8.29
C LYS B 198 16.65 21.14 -8.25
N SER B 199 16.43 20.24 -9.22
CA SER B 199 17.12 18.95 -9.27
C SER B 199 18.40 19.03 -10.10
N ASP B 200 19.27 19.97 -9.71
CA ASP B 200 20.59 20.15 -10.32
C ASP B 200 21.61 20.21 -9.20
N ASP B 201 22.59 19.29 -9.23
CA ASP B 201 23.59 19.23 -8.18
C ASP B 201 24.34 20.55 -8.04
N ASN B 202 24.59 21.24 -9.16
CA ASN B 202 25.34 22.49 -9.20
C ASN B 202 24.42 23.63 -8.78
N ARG B 203 24.52 24.08 -7.53
CA ARG B 203 23.59 25.09 -7.03
C ARG B 203 24.18 26.48 -7.21
N ASN B 204 25.46 26.54 -7.55
CA ASN B 204 26.04 27.61 -8.35
C ASN B 204 25.34 27.85 -9.69
N ASN B 205 24.81 26.81 -10.33
CA ASN B 205 24.00 26.99 -11.52
C ASN B 205 22.55 27.40 -11.17
N VAL B 206 22.18 27.59 -9.90
CA VAL B 206 20.81 28.00 -9.54
C VAL B 206 20.87 29.12 -8.50
N ILE B 207 19.69 29.57 -8.09
CA ILE B 207 19.56 30.71 -7.19
C ILE B 207 18.31 30.54 -6.34
N GLY B 208 18.51 30.35 -5.03
CA GLY B 208 17.42 29.92 -4.19
C GLY B 208 16.54 31.07 -3.75
N LEU B 209 15.29 30.73 -3.43
CA LEU B 209 14.34 31.73 -2.95
C LEU B 209 14.78 32.32 -1.61
N LEU B 210 15.60 31.60 -0.85
CA LEU B 210 16.02 32.08 0.46
C LEU B 210 17.50 32.47 0.48
N GLU B 211 18.10 32.67 -0.69
CA GLU B 211 19.48 33.12 -0.77
C GLU B 211 19.56 34.61 -0.45
N ASP B 212 20.65 35.01 0.38
CA ASP B 212 20.84 36.38 0.84
C ASP B 212 21.67 37.17 -0.17
N PRO B 213 21.37 38.48 -0.30
CA PRO B 213 21.96 39.30 -1.37
C PRO B 213 23.44 39.01 -1.65
N LYS B 214 24.23 38.91 -0.58
CA LYS B 214 25.65 38.56 -0.73
C LYS B 214 25.82 37.27 -1.53
N SER B 215 25.05 36.23 -1.16
CA SER B 215 25.11 34.99 -1.92
C SER B 215 24.42 35.12 -3.28
N VAL B 216 23.44 36.00 -3.39
CA VAL B 216 22.75 36.19 -4.67
C VAL B 216 23.67 36.94 -5.64
N VAL B 217 24.23 38.04 -5.16
CA VAL B 217 25.24 38.78 -5.91
C VAL B 217 26.36 37.86 -6.37
N LYS B 218 26.86 37.02 -5.46
CA LYS B 218 27.98 36.13 -5.77
C LYS B 218 27.63 35.16 -6.89
N LYS B 219 26.47 34.52 -6.82
CA LYS B 219 26.14 33.48 -7.80
C LYS B 219 25.99 34.05 -9.21
N ILE B 220 25.37 35.23 -9.33
CA ILE B 220 25.07 35.77 -10.66
C ILE B 220 26.33 36.33 -11.31
N LYS B 221 27.29 36.79 -10.50
CA LYS B 221 28.52 37.35 -11.03
C LYS B 221 29.23 36.40 -11.97
N ARG B 222 29.08 35.09 -11.75
CA ARG B 222 29.72 34.08 -12.58
C ARG B 222 28.81 33.58 -13.70
N ALA B 223 27.69 34.26 -13.95
CA ALA B 223 26.80 33.83 -15.01
C ALA B 223 27.50 33.92 -16.35
N VAL B 224 27.36 32.86 -17.14
CA VAL B 224 27.99 32.81 -18.46
C VAL B 224 27.45 33.96 -19.30
N THR B 225 28.34 34.83 -19.76
CA THR B 225 27.94 35.97 -20.57
C THR B 225 28.54 35.89 -21.97
N GLN B 238 20.07 35.16 -27.55
CA GLN B 238 20.03 33.81 -28.11
C GLN B 238 21.44 33.34 -28.50
N ASN B 239 22.28 34.26 -28.99
CA ASN B 239 23.72 34.06 -29.18
C ASN B 239 24.56 34.43 -27.96
N LYS B 240 24.11 35.39 -27.17
CA LYS B 240 24.67 35.64 -25.84
C LYS B 240 23.57 35.36 -24.82
N ALA B 241 23.12 34.10 -24.76
CA ALA B 241 21.88 33.79 -24.07
C ALA B 241 21.97 34.00 -22.56
N GLY B 242 23.17 33.87 -21.98
CA GLY B 242 23.34 34.24 -20.58
C GLY B 242 22.94 35.68 -20.34
N VAL B 243 23.32 36.57 -21.26
CA VAL B 243 22.80 37.92 -21.24
C VAL B 243 21.29 37.89 -21.42
N SER B 244 20.83 37.29 -22.53
CA SER B 244 19.42 37.28 -22.88
C SER B 244 18.55 36.85 -21.69
N ASN B 245 18.92 35.76 -21.03
CA ASN B 245 18.14 35.28 -19.89
C ASN B 245 18.28 36.23 -18.71
N LEU B 246 19.50 36.70 -18.44
CA LEU B 246 19.72 37.62 -17.32
C LEU B 246 18.82 38.83 -17.48
N LEU B 247 18.61 39.24 -18.73
CA LEU B 247 17.63 40.26 -19.00
C LEU B 247 16.22 39.72 -18.83
N ASP B 248 15.92 38.52 -19.33
CA ASP B 248 14.54 38.04 -19.23
C ASP B 248 14.08 38.05 -17.79
N ILE B 249 14.98 37.66 -16.91
CA ILE B 249 14.66 37.66 -15.49
C ILE B 249 14.11 39.00 -15.09
N LEU B 250 14.93 40.05 -15.23
CA LEU B 250 14.48 41.40 -14.94
C LEU B 250 13.14 41.68 -15.60
N SER B 251 12.99 41.28 -16.87
CA SER B 251 11.71 41.45 -17.56
C SER B 251 10.55 41.01 -16.68
N ALA B 252 10.68 39.85 -16.04
CA ALA B 252 9.69 39.40 -15.08
C ALA B 252 9.91 39.94 -13.67
N VAL B 253 11.16 40.25 -13.29
CA VAL B 253 11.37 40.83 -11.97
C VAL B 253 10.87 42.27 -11.94
N THR B 254 11.36 43.10 -12.86
CA THR B 254 11.04 44.52 -12.85
C THR B 254 9.60 44.75 -13.29
N GLY B 255 9.13 43.97 -14.24
CA GLY B 255 7.92 44.29 -14.96
C GLY B 255 8.16 44.95 -16.30
N GLN B 256 9.39 45.32 -16.62
CA GLN B 256 9.66 45.97 -17.89
C GLN B 256 9.72 44.92 -19.00
N SER B 257 9.93 45.38 -20.24
CA SER B 257 9.97 44.50 -21.40
C SER B 257 11.39 44.45 -21.95
N ILE B 258 11.56 43.66 -23.01
CA ILE B 258 12.85 43.49 -23.68
C ILE B 258 13.27 44.80 -24.36
N PRO B 259 12.41 45.44 -25.16
CA PRO B 259 12.81 46.74 -25.73
C PRO B 259 13.17 47.76 -24.66
N GLU B 260 12.37 47.87 -23.58
CA GLU B 260 12.72 48.79 -22.51
C GLU B 260 14.04 48.42 -21.86
N LEU B 261 14.35 47.12 -21.80
CA LEU B 261 15.62 46.67 -21.25
C LEU B 261 16.75 46.79 -22.28
N GLU B 262 16.47 46.46 -23.55
CA GLU B 262 17.46 46.67 -24.60
C GLU B 262 17.85 48.14 -24.74
N LYS B 263 16.97 49.05 -24.32
CA LYS B 263 17.26 50.47 -24.32
C LYS B 263 17.89 50.93 -23.00
N GLN B 264 17.29 50.55 -21.87
CA GLN B 264 17.84 50.94 -20.57
C GLN B 264 19.29 50.46 -20.42
N PHE B 265 19.60 49.27 -20.92
CA PHE B 265 20.97 48.75 -20.90
C PHE B 265 21.70 49.07 -22.21
N MET B 269 28.78 48.34 -17.86
CA MET B 269 28.93 47.29 -18.86
C MET B 269 28.01 46.12 -18.58
N TYR B 270 28.52 44.89 -18.73
CA TYR B 270 27.72 43.76 -18.32
C TYR B 270 27.70 43.61 -16.80
N GLY B 271 28.65 44.23 -16.10
CA GLY B 271 28.57 44.31 -14.66
C GLY B 271 27.38 45.11 -14.16
N HIS B 272 26.96 46.11 -14.93
CA HIS B 272 25.76 46.87 -14.56
C HIS B 272 24.52 45.99 -14.63
N LEU B 273 24.37 45.25 -15.74
CA LEU B 273 23.29 44.26 -15.83
C LEU B 273 23.36 43.27 -14.69
N LYS B 274 24.57 42.75 -14.41
CA LYS B 274 24.75 41.80 -13.32
C LYS B 274 24.42 42.41 -11.97
N GLY B 275 24.98 43.60 -11.69
CA GLY B 275 24.65 44.29 -10.46
C GLY B 275 23.21 44.69 -10.34
N GLU B 276 22.55 44.93 -11.48
CA GLU B 276 21.15 45.35 -11.46
C GLU B 276 20.20 44.19 -11.27
N VAL B 277 20.49 43.02 -11.87
CA VAL B 277 19.66 41.87 -11.57
C VAL B 277 19.85 41.44 -10.12
N ALA B 278 21.04 41.68 -9.56
CA ALA B 278 21.27 41.39 -8.15
C ALA B 278 20.30 42.17 -7.27
N ASP B 279 20.37 43.50 -7.31
CA ASP B 279 19.48 44.33 -6.51
C ASP B 279 18.02 44.15 -6.89
N ALA B 280 17.74 43.67 -8.10
CA ALA B 280 16.36 43.44 -8.52
C ALA B 280 15.81 42.15 -7.90
N VAL B 281 16.52 41.04 -8.07
CA VAL B 281 16.00 39.76 -7.60
C VAL B 281 15.97 39.72 -6.07
N SER B 282 17.06 40.15 -5.42
CA SER B 282 17.09 40.18 -3.96
C SER B 282 16.06 41.15 -3.40
N GLY B 283 15.70 42.19 -4.16
CA GLY B 283 14.55 43.02 -3.87
C GLY B 283 13.21 42.34 -4.10
N MET B 284 13.14 41.38 -5.07
CA MET B 284 11.96 40.52 -5.21
C MET B 284 11.82 39.54 -4.06
N LEU B 285 12.92 39.11 -3.45
CA LEU B 285 12.86 38.07 -2.43
C LEU B 285 12.55 38.61 -1.04
N THR B 286 12.35 39.92 -0.89
CA THR B 286 12.35 40.51 0.44
C THR B 286 11.16 40.06 1.29
N GLU B 287 9.94 40.36 0.84
CA GLU B 287 8.76 40.00 1.61
C GLU B 287 8.62 38.47 1.73
N LEU B 288 9.14 37.75 0.74
CA LEU B 288 9.19 36.29 0.78
C LEU B 288 10.03 35.84 1.96
N GLN B 289 11.27 36.29 2.01
CA GLN B 289 12.20 35.89 3.06
C GLN B 289 11.71 36.35 4.42
N GLU B 290 11.34 37.62 4.52
CA GLU B 290 10.84 38.16 5.79
C GLU B 290 9.61 37.40 6.28
N ARG B 291 8.73 36.98 5.37
CA ARG B 291 7.59 36.16 5.79
C ARG B 291 8.04 34.79 6.28
N TYR B 292 8.90 34.12 5.51
CA TYR B 292 9.39 32.78 5.88
C TYR B 292 9.91 32.75 7.31
N HIS B 293 10.78 33.68 7.68
CA HIS B 293 11.44 33.58 8.97
C HIS B 293 10.44 33.68 10.13
N ARG B 294 9.33 34.39 9.92
CA ARG B 294 8.27 34.44 10.91
C ARG B 294 7.46 33.17 10.92
N PHE B 295 7.07 32.68 9.73
CA PHE B 295 6.35 31.42 9.64
C PHE B 295 7.22 30.27 10.15
N ARG B 296 8.39 30.09 9.56
CA ARG B 296 9.26 28.96 9.89
C ARG B 296 9.48 28.73 11.35
N ASN B 297 9.70 29.79 12.09
CA ASN B 297 9.93 29.63 13.52
C ASN B 297 8.65 29.46 14.32
N ASP B 298 7.50 29.87 13.79
CA ASP B 298 6.22 29.78 14.52
C ASP B 298 5.63 28.38 14.30
N GLU B 299 6.29 27.38 14.92
CA GLU B 299 5.95 25.98 14.73
C GLU B 299 4.50 25.71 15.10
N ALA B 300 3.96 26.42 16.08
CA ALA B 300 2.57 26.21 16.43
C ALA B 300 1.67 26.56 15.26
N PHE B 301 2.08 27.53 14.44
CA PHE B 301 1.30 27.94 13.28
C PHE B 301 1.35 26.86 12.20
N LEU B 302 2.57 26.40 11.91
CA LEU B 302 2.76 25.25 11.05
C LEU B 302 1.92 24.08 11.55
N GLN B 303 2.04 23.74 12.83
CA GLN B 303 1.26 22.63 13.37
C GLN B 303 -0.24 22.83 13.09
N GLN B 304 -0.72 24.06 13.19
CA GLN B 304 -2.13 24.32 12.93
C GLN B 304 -2.44 24.19 11.43
N VAL B 305 -1.53 24.67 10.57
CA VAL B 305 -1.77 24.66 9.13
C VAL B 305 -1.77 23.21 8.59
N MET B 306 -0.80 22.40 9.05
CA MET B 306 -0.79 20.98 8.70
C MET B 306 -2.01 20.26 9.26
N LYS B 307 -2.57 20.73 10.36
CA LYS B 307 -3.71 20.01 10.90
C LYS B 307 -4.98 20.35 10.12
N ASP B 308 -5.11 21.63 9.76
CA ASP B 308 -6.31 22.09 9.08
C ASP B 308 -6.34 21.60 7.64
N GLY B 309 -5.23 21.79 6.91
CA GLY B 309 -5.14 21.23 5.57
C GLY B 309 -5.44 19.74 5.55
N ALA B 310 -4.76 18.97 6.42
CA ALA B 310 -4.98 17.53 6.49
C ALA B 310 -6.44 17.21 6.78
N GLU B 311 -7.06 17.92 7.72
CA GLU B 311 -8.47 17.62 7.98
C GLU B 311 -9.31 17.91 6.75
N LYS B 312 -8.98 18.97 6.03
CA LYS B 312 -9.78 19.34 4.85
C LYS B 312 -9.55 18.36 3.70
N ALA B 313 -8.31 17.89 3.53
CA ALA B 313 -7.94 16.92 2.50
C ALA B 313 -8.63 15.58 2.72
N SER B 314 -8.48 15.00 3.92
CA SER B 314 -9.17 13.74 4.22
C SER B 314 -10.64 13.81 3.84
N ALA B 315 -11.32 14.89 4.23
CA ALA B 315 -12.76 14.98 4.03
C ALA B 315 -13.13 14.78 2.56
N HIS B 316 -12.31 15.34 1.67
CA HIS B 316 -12.50 15.18 0.23
C HIS B 316 -12.00 13.79 -0.23
N ALA B 317 -10.75 13.46 0.10
CA ALA B 317 -10.17 12.18 -0.30
C ALA B 317 -10.98 11.02 0.25
N SER B 318 -11.54 11.14 1.46
CA SER B 318 -12.24 9.97 1.95
C SER B 318 -13.55 9.82 1.21
N ARG B 319 -14.01 10.87 0.55
CA ARG B 319 -15.27 10.74 -0.18
C ARG B 319 -15.03 9.92 -1.42
N THR B 320 -14.03 10.31 -2.22
CA THR B 320 -13.65 9.51 -3.38
C THR B 320 -13.33 8.07 -2.96
N LEU B 321 -12.50 7.91 -1.93
CA LEU B 321 -12.12 6.59 -1.49
C LEU B 321 -13.31 5.72 -1.12
N LYS B 322 -14.33 6.29 -0.47
CA LYS B 322 -15.48 5.47 -0.10
C LYS B 322 -16.10 4.86 -1.34
N ALA B 323 -16.13 5.64 -2.42
CA ALA B 323 -16.79 5.23 -3.66
C ALA B 323 -16.02 4.09 -4.33
N VAL B 324 -14.69 4.24 -4.39
CA VAL B 324 -13.81 3.19 -4.87
C VAL B 324 -14.02 1.92 -4.07
N TYR B 325 -13.90 1.99 -2.75
CA TYR B 325 -14.04 0.78 -1.94
C TYR B 325 -15.39 0.09 -2.15
N GLU B 326 -16.44 0.84 -2.50
CA GLU B 326 -17.72 0.19 -2.76
C GLU B 326 -17.72 -0.46 -4.14
N ALA B 327 -17.17 0.24 -5.14
CA ALA B 327 -17.11 -0.29 -6.50
C ALA B 327 -16.26 -1.55 -6.54
N ILE B 328 -15.09 -1.48 -5.91
CA ILE B 328 -14.16 -2.61 -5.83
C ILE B 328 -14.81 -3.83 -5.19
N GLY B 329 -15.79 -3.63 -4.32
CA GLY B 329 -16.46 -4.75 -3.68
C GLY B 329 -16.15 -4.94 -2.21
N PHE B 330 -15.39 -4.04 -1.60
CA PHE B 330 -15.01 -4.17 -0.20
C PHE B 330 -16.21 -3.94 0.70
N VAL B 331 -16.22 -4.67 1.82
CA VAL B 331 -17.13 -4.33 2.89
C VAL B 331 -16.72 -3.01 3.51
N ALA B 332 -17.68 -2.14 3.74
CA ALA B 332 -17.36 -0.82 4.28
C ALA B 332 -17.26 -0.78 5.78
N LYS B 333 -16.56 0.21 6.29
CA LYS B 333 -16.36 0.31 7.73
C LYS B 333 -17.37 1.24 8.33
N ARG B 334 -17.30 1.37 9.65
CA ARG B 334 -18.19 2.29 10.35
C ARG B 334 -17.76 2.44 11.80
#